data_8YZ8
#
_entry.id   8YZ8
#
_cell.length_a   145.406
_cell.length_b   145.406
_cell.length_c   129.178
_cell.angle_alpha   90.00
_cell.angle_beta   90.00
_cell.angle_gamma   90.00
#
_symmetry.space_group_name_H-M   'I 41'
#
loop_
_entity.id
_entity.type
_entity.pdbx_description
1 polymer PtmB
2 non-polymer 'PROTOPORPHYRIN IX CONTAINING FE'
3 non-polymer ADENINE
#
_entity_poly.entity_id   1
_entity_poly.type   'polypeptide(L)'
_entity_poly.pdbx_seq_one_letter_code
;MTTTAQRDPVLPGTAHHPPLPDFPLSRRGDILPAEAERLRAEQPVARVRTMTGDEAWLVSSYELAKQVLEDDRFSLKDTA
NPGVPRQYALTIPPEVVNNMGNINSAGLRNAVMKTLSPQADRELGGWLEAQAHQLLDRLIEQGPPADLRDGFTEPYSAAL
HCRLLGIPTDDWRRLMSGIDVAFITSPRTFEGSAVNWYKDLGYMVDRLNADPEPTEGLLGRFAELRRSPDVSDQVSDELL
ATVALSLFGAGAVSTSAFLQHAIIALAQQPELADRLRAEPAVIGRAVDELLRYNLSIGDALPRIALADVRLGEVEIRAGE
LVLVLIEGANYDPAVFPHPERIDFDRESNPHLAFGGGQHFCPASALGRTHAEIALTALVEKLPALRLALPVEQLAWRPGF
IKRLPERLPVLW
;
_entity_poly.pdbx_strand_id   A,B
#
# COMPACT_ATOMS: atom_id res chain seq x y z
N LEU A 20 -15.49 24.95 13.11
CA LEU A 20 -15.62 23.70 13.91
C LEU A 20 -14.39 22.84 13.62
N PRO A 21 -13.73 22.28 14.65
CA PRO A 21 -12.61 21.37 14.40
C PRO A 21 -12.98 20.21 13.48
N ASP A 22 -12.00 19.52 12.89
CA ASP A 22 -12.40 18.46 11.92
C ASP A 22 -11.96 17.08 12.43
N PHE A 23 -12.81 16.09 12.12
CA PHE A 23 -12.53 14.67 12.47
C PHE A 23 -12.75 13.87 11.18
N PRO A 24 -11.71 13.32 10.52
CA PRO A 24 -10.70 12.51 11.19
C PRO A 24 -9.55 13.37 11.70
N LEU A 25 -8.80 12.83 12.65
CA LEU A 25 -7.69 13.62 13.26
C LEU A 25 -6.45 13.55 12.35
N SER A 26 -5.72 12.43 12.38
CA SER A 26 -4.49 12.30 11.57
C SER A 26 -4.33 10.87 11.09
N ARG A 27 -3.69 10.69 9.94
CA ARG A 27 -3.45 9.34 9.43
C ARG A 27 -2.06 8.90 9.91
N ARG A 28 -1.28 9.86 10.40
CA ARG A 28 0.03 9.50 10.91
C ARG A 28 -0.10 8.89 12.31
N GLY A 29 0.32 7.64 12.45
CA GLY A 29 0.08 6.88 13.65
C GLY A 29 1.32 6.58 14.45
N ASP A 30 2.36 7.39 14.29
CA ASP A 30 3.59 7.14 15.04
C ASP A 30 3.72 8.02 16.27
N ILE A 31 2.97 9.12 16.40
CA ILE A 31 2.77 9.78 17.69
C ILE A 31 1.30 10.13 17.87
N LEU A 32 0.94 10.38 19.11
CA LEU A 32 -0.37 10.93 19.41
C LEU A 32 -0.53 12.27 18.70
N PRO A 33 -1.59 12.45 17.91
CA PRO A 33 -1.85 13.76 17.28
C PRO A 33 -1.94 14.87 18.32
N ALA A 34 -1.03 15.85 18.20
CA ALA A 34 -0.98 16.99 19.12
C ALA A 34 -2.34 17.63 19.34
N GLU A 35 -3.23 17.54 18.35
CA GLU A 35 -4.54 18.16 18.43
C GLU A 35 -5.37 17.54 19.56
N ALA A 36 -5.45 16.21 19.59
CA ALA A 36 -6.28 15.55 20.61
C ALA A 36 -5.82 15.90 22.01
N GLU A 37 -4.53 16.20 22.18
CA GLU A 37 -4.06 16.69 23.46
C GLU A 37 -4.59 18.09 23.74
N ARG A 38 -4.64 18.93 22.72
CA ARG A 38 -5.21 20.26 22.89
C ARG A 38 -6.70 20.18 23.13
N LEU A 39 -7.38 19.30 22.38
CA LEU A 39 -8.82 19.10 22.54
C LEU A 39 -9.17 18.67 23.96
N ARG A 40 -8.55 17.59 24.43
CA ARG A 40 -8.85 17.08 25.76
C ARG A 40 -8.59 18.14 26.83
N ALA A 41 -7.46 18.84 26.72
CA ALA A 41 -7.12 19.85 27.72
C ALA A 41 -8.12 21.00 27.72
N GLU A 42 -8.59 21.40 26.54
CA GLU A 42 -9.43 22.59 26.40
C GLU A 42 -10.92 22.29 26.33
N GLN A 43 -11.32 21.31 25.51
CA GLN A 43 -12.76 21.02 25.35
C GLN A 43 -13.01 19.50 25.31
N PRO A 44 -12.93 18.77 26.45
CA PRO A 44 -13.09 17.30 26.43
C PRO A 44 -14.38 16.81 25.77
N VAL A 45 -15.33 17.69 25.48
CA VAL A 45 -16.49 17.35 24.66
C VAL A 45 -16.65 18.51 23.69
N ALA A 46 -16.03 18.43 22.52
CA ALA A 46 -16.04 19.51 21.54
C ALA A 46 -16.86 19.12 20.31
N ARG A 47 -17.62 20.06 19.78
CA ARG A 47 -18.33 19.79 18.54
C ARG A 47 -17.34 19.83 17.39
N VAL A 48 -17.38 18.82 16.53
CA VAL A 48 -16.44 18.68 15.42
C VAL A 48 -17.21 18.42 14.12
N ARG A 49 -16.50 18.54 13.00
CA ARG A 49 -17.03 18.33 11.66
C ARG A 49 -16.43 17.04 11.10
N THR A 50 -17.25 15.99 11.02
CA THR A 50 -16.85 14.73 10.43
C THR A 50 -16.64 14.86 8.92
N MET A 51 -16.09 13.82 8.32
CA MET A 51 -15.83 13.91 6.90
C MET A 51 -17.10 13.84 6.05
N THR A 52 -18.22 13.40 6.62
CA THR A 52 -19.46 13.50 5.86
C THR A 52 -20.04 14.89 5.88
N GLY A 53 -19.51 15.78 6.72
CA GLY A 53 -20.07 17.10 6.91
C GLY A 53 -21.10 17.18 8.01
N ASP A 54 -21.49 16.05 8.58
CA ASP A 54 -22.32 16.02 9.76
C ASP A 54 -21.53 16.58 10.96
N GLU A 55 -22.26 16.91 12.02
CA GLU A 55 -21.69 17.46 13.23
C GLU A 55 -21.78 16.43 14.35
N ALA A 56 -20.85 16.52 15.30
CA ALA A 56 -20.70 15.44 16.26
C ALA A 56 -20.00 15.97 17.51
N TRP A 57 -20.22 15.30 18.62
CA TRP A 57 -19.58 15.65 19.90
C TRP A 57 -18.38 14.74 20.10
N LEU A 58 -17.19 15.31 20.06
CA LEU A 58 -15.97 14.52 20.25
C LEU A 58 -15.58 14.50 21.73
N VAL A 59 -15.78 13.35 22.36
CA VAL A 59 -15.43 13.14 23.76
C VAL A 59 -14.01 12.59 23.81
N SER A 60 -13.12 13.31 24.54
CA SER A 60 -11.68 13.13 24.42
C SER A 60 -10.94 13.01 25.76
N SER A 61 -11.62 12.82 26.88
CA SER A 61 -10.96 12.61 28.15
C SER A 61 -11.40 11.26 28.70
N TYR A 62 -10.60 10.72 29.60
CA TYR A 62 -10.84 9.35 30.05
C TYR A 62 -12.18 9.25 30.77
N GLU A 63 -12.40 10.07 31.80
CA GLU A 63 -13.62 9.99 32.61
C GLU A 63 -14.87 10.18 31.76
N LEU A 64 -14.83 11.15 30.84
CA LEU A 64 -15.97 11.36 29.97
C LEU A 64 -16.09 10.27 28.91
N ALA A 65 -14.98 9.65 28.52
CA ALA A 65 -15.04 8.53 27.59
C ALA A 65 -15.70 7.33 28.24
N LYS A 66 -15.23 6.98 29.44
CA LYS A 66 -15.84 5.91 30.23
C LYS A 66 -17.31 6.17 30.47
N GLN A 67 -17.70 7.44 30.63
CA GLN A 67 -19.09 7.77 30.91
C GLN A 67 -19.99 7.33 29.77
N VAL A 68 -19.63 7.74 28.55
CA VAL A 68 -20.41 7.38 27.38
C VAL A 68 -20.43 5.86 27.18
N LEU A 69 -19.31 5.20 27.49
CA LEU A 69 -19.25 3.78 27.15
C LEU A 69 -20.11 2.92 28.07
N GLU A 70 -20.46 3.42 29.25
CA GLU A 70 -21.24 2.67 30.23
C GLU A 70 -22.63 3.22 30.43
N ASP A 71 -22.94 4.36 29.83
CA ASP A 71 -24.27 4.96 29.88
C ASP A 71 -25.07 4.48 28.66
N ASP A 72 -25.94 3.48 28.86
CA ASP A 72 -26.64 2.79 27.77
C ASP A 72 -27.48 3.72 26.90
N ARG A 73 -27.90 4.89 27.44
CA ARG A 73 -28.61 5.92 26.69
C ARG A 73 -27.84 6.44 25.50
N PHE A 74 -26.53 6.17 25.44
CA PHE A 74 -25.69 6.47 24.29
C PHE A 74 -25.58 5.20 23.46
N SER A 75 -26.39 5.11 22.40
CA SER A 75 -26.62 3.85 21.69
C SER A 75 -25.65 3.65 20.54
N LEU A 76 -25.18 2.42 20.35
CA LEU A 76 -24.30 2.09 19.19
C LEU A 76 -25.16 1.68 18.00
N LYS A 77 -26.12 0.79 18.22
CA LYS A 77 -26.96 0.28 17.11
C LYS A 77 -27.55 1.43 16.31
N ASP A 78 -28.03 2.46 16.98
CA ASP A 78 -28.72 3.57 16.29
C ASP A 78 -27.75 4.40 15.45
N THR A 79 -26.46 4.05 15.44
CA THR A 79 -25.53 4.78 14.59
C THR A 79 -25.71 4.40 13.13
N ALA A 80 -26.15 3.17 12.86
CA ALA A 80 -26.41 2.67 11.52
C ALA A 80 -27.82 2.99 11.04
N ASN A 81 -28.53 3.83 11.74
CA ASN A 81 -29.91 4.12 11.38
C ASN A 81 -29.95 5.10 10.21
N PRO A 82 -31.01 5.01 9.39
CA PRO A 82 -31.15 5.93 8.24
C PRO A 82 -31.23 7.39 8.65
N GLY A 83 -30.39 8.20 8.02
CA GLY A 83 -30.51 9.63 8.16
C GLY A 83 -30.21 10.18 9.52
N VAL A 84 -29.57 9.41 10.40
CA VAL A 84 -28.90 9.94 11.59
C VAL A 84 -27.55 10.49 11.13
N PRO A 85 -26.88 11.34 11.93
CA PRO A 85 -25.56 11.84 11.54
C PRO A 85 -24.51 10.74 11.60
N ARG A 86 -23.53 10.84 10.70
CA ARG A 86 -22.55 9.77 10.46
C ARG A 86 -21.14 10.34 10.50
N GLN A 87 -20.20 9.56 11.02
CA GLN A 87 -18.81 10.00 10.93
C GLN A 87 -18.19 9.62 9.59
N TYR A 88 -18.64 8.53 8.99
CA TYR A 88 -18.32 8.21 7.62
C TYR A 88 -19.41 7.28 7.08
N ALA A 89 -19.41 7.13 5.75
CA ALA A 89 -20.40 6.34 5.05
C ALA A 89 -20.51 4.92 5.57
N LEU A 90 -21.76 4.47 5.78
CA LEU A 90 -22.00 3.08 6.12
C LEU A 90 -21.50 2.20 4.98
N THR A 91 -20.92 1.05 5.33
CA THR A 91 -20.30 0.18 4.34
C THR A 91 -20.89 -1.23 4.40
N ALA A 106 -30.90 -14.57 19.16
CA ALA A 106 -31.27 -15.99 18.98
C ALA A 106 -30.27 -16.89 19.67
N GLY A 107 -30.24 -18.17 19.31
CA GLY A 107 -29.29 -19.13 19.91
C GLY A 107 -27.91 -18.90 19.34
N LEU A 108 -27.75 -17.82 18.57
CA LEU A 108 -26.43 -17.47 18.01
C LEU A 108 -25.49 -17.04 19.14
N ARG A 109 -26.01 -16.48 20.24
CA ARG A 109 -25.02 -16.04 21.21
C ARG A 109 -24.13 -17.19 21.62
N ASN A 110 -24.73 -18.36 21.86
CA ASN A 110 -23.94 -19.53 22.22
C ASN A 110 -22.85 -19.78 21.19
N ALA A 111 -23.23 -19.83 19.92
CA ALA A 111 -22.25 -20.17 18.89
C ALA A 111 -21.13 -19.13 18.82
N VAL A 112 -21.47 -17.86 18.97
CA VAL A 112 -20.46 -16.82 18.94
C VAL A 112 -19.55 -16.91 20.15
N MET A 113 -20.12 -16.78 21.36
CA MET A 113 -19.29 -16.68 22.55
C MET A 113 -18.47 -17.93 22.80
N LYS A 114 -19.00 -19.10 22.44
CA LYS A 114 -18.18 -20.29 22.55
C LYS A 114 -17.07 -20.30 21.51
N THR A 115 -17.17 -19.47 20.46
CA THR A 115 -16.07 -19.33 19.51
C THR A 115 -15.03 -18.30 19.94
N LEU A 116 -15.43 -17.33 20.76
CA LEU A 116 -14.54 -16.24 21.17
C LEU A 116 -13.97 -16.41 22.57
N SER A 117 -14.31 -17.54 23.19
CA SER A 117 -13.91 -17.78 24.60
C SER A 117 -12.49 -18.36 24.63
N PRO A 118 -11.67 -17.97 25.62
CA PRO A 118 -10.29 -18.42 25.66
C PRO A 118 -10.22 -19.91 25.85
N GLN A 119 -11.05 -20.42 26.74
CA GLN A 119 -10.94 -21.86 27.08
C GLN A 119 -11.81 -22.69 26.14
N ALA A 120 -11.89 -22.34 24.86
CA ALA A 120 -12.76 -23.18 24.06
C ALA A 120 -12.05 -23.76 22.86
N ASP A 121 -10.76 -23.51 22.71
CA ASP A 121 -9.94 -24.12 21.66
C ASP A 121 -8.60 -24.44 22.33
N ARG A 122 -8.55 -25.61 22.94
CA ARG A 122 -7.43 -26.01 23.78
C ARG A 122 -6.10 -25.91 23.05
N GLU A 123 -6.09 -26.12 21.74
CA GLU A 123 -4.86 -26.09 20.95
C GLU A 123 -4.58 -24.75 20.28
N LEU A 124 -5.46 -23.74 20.45
CA LEU A 124 -5.31 -22.49 19.70
C LEU A 124 -3.95 -21.85 19.93
N GLY A 125 -3.54 -21.77 21.18
CA GLY A 125 -2.23 -21.26 21.51
C GLY A 125 -1.08 -21.90 20.77
N GLY A 126 -0.92 -23.21 20.82
CA GLY A 126 0.23 -23.81 20.17
C GLY A 126 0.17 -23.66 18.67
N TRP A 127 -1.03 -23.69 18.10
CA TRP A 127 -1.19 -23.54 16.67
C TRP A 127 -0.77 -22.15 16.21
N LEU A 128 -1.20 -21.10 16.93
CA LEU A 128 -0.75 -19.74 16.64
C LEU A 128 0.77 -19.65 16.67
N GLU A 129 1.40 -20.17 17.73
CA GLU A 129 2.87 -20.11 17.81
C GLU A 129 3.48 -20.82 16.62
N ALA A 130 2.85 -21.91 16.17
CA ALA A 130 3.31 -22.59 14.97
C ALA A 130 3.22 -21.66 13.77
N GLN A 131 2.08 -20.99 13.60
CA GLN A 131 1.90 -20.07 12.48
C GLN A 131 2.95 -18.97 12.52
N ALA A 132 2.99 -18.26 13.64
CA ALA A 132 3.97 -17.22 13.87
C ALA A 132 5.35 -17.69 13.44
N HIS A 133 5.69 -18.94 13.78
CA HIS A 133 7.04 -19.44 13.56
C HIS A 133 7.32 -19.80 12.10
N GLN A 134 6.36 -20.39 11.39
CA GLN A 134 6.54 -20.59 9.95
C GLN A 134 6.74 -19.24 9.28
N LEU A 135 5.76 -18.34 9.44
CA LEU A 135 5.82 -17.03 8.80
C LEU A 135 7.16 -16.35 9.07
N LEU A 136 7.64 -16.40 10.31
CA LEU A 136 8.93 -15.77 10.58
C LEU A 136 10.07 -16.58 9.99
N ASP A 137 9.98 -17.90 9.98
CA ASP A 137 11.07 -18.71 9.43
C ASP A 137 11.19 -18.51 7.93
N ARG A 138 10.05 -18.40 7.24
CA ARG A 138 10.07 -18.07 5.83
C ARG A 138 10.90 -16.80 5.56
N LEU A 139 10.72 -15.77 6.40
CA LEU A 139 11.35 -14.48 6.16
C LEU A 139 12.84 -14.52 6.49
N ILE A 140 13.23 -15.35 7.46
CA ILE A 140 14.63 -15.54 7.75
C ILE A 140 15.31 -16.27 6.60
N GLU A 141 14.63 -17.26 6.03
CA GLU A 141 15.15 -17.95 4.84
C GLU A 141 15.55 -16.94 3.75
N GLN A 142 14.62 -16.04 3.37
CA GLN A 142 14.91 -15.08 2.30
C GLN A 142 15.93 -14.03 2.73
N GLY A 143 15.85 -13.57 3.98
CA GLY A 143 16.77 -12.58 4.48
C GLY A 143 16.17 -11.18 4.53
N PRO A 144 16.82 -10.29 5.29
CA PRO A 144 16.33 -8.91 5.37
C PRO A 144 16.64 -8.14 4.09
N PRO A 145 15.87 -7.07 3.79
CA PRO A 145 14.67 -6.67 4.57
C PRO A 145 13.45 -7.47 4.20
N ALA A 146 12.37 -7.26 4.94
CA ALA A 146 11.09 -7.90 4.68
C ALA A 146 10.01 -6.91 5.09
N ASP A 147 8.77 -7.19 4.69
CA ASP A 147 7.62 -6.35 5.05
C ASP A 147 6.73 -7.09 6.03
N LEU A 148 6.86 -6.79 7.33
CA LEU A 148 6.08 -7.53 8.31
C LEU A 148 4.57 -7.34 8.17
N ARG A 149 4.10 -6.45 7.31
CA ARG A 149 2.65 -6.37 7.12
C ARG A 149 2.17 -7.46 6.17
N ASP A 150 2.58 -7.40 4.90
CA ASP A 150 2.23 -8.48 3.99
C ASP A 150 2.79 -9.82 4.45
N GLY A 151 3.98 -9.81 5.06
CA GLY A 151 4.65 -11.08 5.39
C GLY A 151 4.39 -11.62 6.78
N PHE A 152 3.72 -10.89 7.65
CA PHE A 152 3.56 -11.40 9.02
C PHE A 152 2.19 -11.02 9.58
N THR A 153 1.93 -9.73 9.79
CA THR A 153 0.68 -9.32 10.46
C THR A 153 -0.53 -9.78 9.69
N GLU A 154 -0.49 -9.64 8.37
CA GLU A 154 -1.65 -9.96 7.55
C GLU A 154 -1.96 -11.45 7.53
N PRO A 155 -1.04 -12.34 7.11
CA PRO A 155 -1.39 -13.78 7.12
C PRO A 155 -1.74 -14.28 8.50
N TYR A 156 -0.94 -13.91 9.49
CA TYR A 156 -1.17 -14.31 10.86
C TYR A 156 -2.58 -13.96 11.32
N SER A 157 -3.02 -12.72 11.03
CA SER A 157 -4.36 -12.36 11.44
C SER A 157 -5.43 -13.10 10.64
N ALA A 158 -5.17 -13.37 9.37
CA ALA A 158 -6.12 -14.17 8.62
C ALA A 158 -6.13 -15.61 9.09
N ALA A 159 -4.94 -16.17 9.37
CA ALA A 159 -4.87 -17.55 9.85
C ALA A 159 -5.69 -17.73 11.12
N LEU A 160 -5.54 -16.82 12.08
CA LEU A 160 -6.33 -16.89 13.29
C LEU A 160 -7.83 -16.87 12.98
N HIS A 161 -8.26 -15.98 12.10
CA HIS A 161 -9.70 -15.84 11.90
C HIS A 161 -10.26 -16.89 10.95
N CYS A 162 -9.46 -17.37 10.01
CA CYS A 162 -9.89 -18.54 9.26
C CYS A 162 -10.21 -19.68 10.23
N ARG A 163 -9.26 -20.01 11.09
CA ARG A 163 -9.52 -21.03 12.11
C ARG A 163 -10.73 -20.69 12.95
N LEU A 164 -10.86 -19.42 13.34
CA LEU A 164 -12.00 -19.01 14.13
C LEU A 164 -13.32 -19.33 13.42
N LEU A 165 -13.33 -19.29 12.09
CA LEU A 165 -14.52 -19.61 11.32
C LEU A 165 -14.51 -21.03 10.80
N GLY A 166 -13.40 -21.75 10.99
CA GLY A 166 -13.29 -23.10 10.47
C GLY A 166 -13.24 -23.18 8.97
N ILE A 167 -12.62 -22.20 8.30
CA ILE A 167 -12.45 -22.25 6.86
C ILE A 167 -10.96 -22.37 6.56
N PRO A 168 -10.57 -22.87 5.39
CA PRO A 168 -9.14 -22.96 5.08
C PRO A 168 -8.54 -21.58 4.92
N THR A 169 -7.24 -21.48 5.21
CA THR A 169 -6.55 -20.23 4.95
C THR A 169 -6.23 -20.03 3.48
N ASP A 170 -6.68 -20.94 2.61
CA ASP A 170 -6.27 -20.95 1.20
C ASP A 170 -6.44 -19.57 0.55
N ASP A 171 -7.61 -18.95 0.71
CA ASP A 171 -7.85 -17.67 0.02
C ASP A 171 -7.75 -16.50 0.98
N TRP A 172 -6.74 -16.49 1.83
CA TRP A 172 -6.66 -15.40 2.79
C TRP A 172 -6.42 -14.06 2.09
N ARG A 173 -5.64 -14.04 1.01
CA ARG A 173 -5.39 -12.77 0.33
C ARG A 173 -6.68 -12.18 -0.19
N ARG A 174 -7.49 -12.99 -0.88
CA ARG A 174 -8.81 -12.52 -1.31
C ARG A 174 -9.63 -12.03 -0.13
N LEU A 175 -9.60 -12.78 0.97
CA LEU A 175 -10.32 -12.39 2.17
C LEU A 175 -9.80 -11.08 2.73
N MET A 176 -8.47 -10.96 2.86
CA MET A 176 -7.89 -9.74 3.39
C MET A 176 -8.11 -8.57 2.43
N SER A 177 -8.05 -8.82 1.13
CA SER A 177 -8.25 -7.75 0.15
C SER A 177 -9.66 -7.18 0.20
N GLY A 178 -10.65 -7.97 0.62
CA GLY A 178 -11.98 -7.40 0.82
C GLY A 178 -12.06 -6.53 2.06
N ILE A 179 -11.27 -6.86 3.09
CA ILE A 179 -11.12 -5.95 4.23
C ILE A 179 -10.65 -4.58 3.77
N ASP A 180 -9.77 -4.54 2.75
CA ASP A 180 -9.25 -3.27 2.26
C ASP A 180 -10.36 -2.35 1.78
N VAL A 181 -11.49 -2.91 1.38
CA VAL A 181 -12.63 -2.13 0.94
C VAL A 181 -13.69 -2.00 2.02
N ALA A 182 -13.89 -3.06 2.81
CA ALA A 182 -14.94 -3.04 3.83
C ALA A 182 -14.79 -1.87 4.80
N PHE A 183 -13.55 -1.54 5.18
CA PHE A 183 -13.34 -0.60 6.26
C PHE A 183 -12.76 0.70 5.75
N ILE A 184 -12.94 0.97 4.46
CA ILE A 184 -12.73 2.31 3.95
C ILE A 184 -13.70 3.27 4.62
N THR A 185 -13.23 4.49 4.87
CA THR A 185 -14.04 5.54 5.48
C THR A 185 -14.30 6.59 4.41
N SER A 186 -15.58 6.71 3.97
CA SER A 186 -15.88 7.64 2.88
C SER A 186 -16.85 8.74 3.29
N PRO A 187 -16.73 9.94 2.68
CA PRO A 187 -17.74 10.98 2.94
C PRO A 187 -19.14 10.58 2.50
N ARG A 188 -19.28 10.07 1.29
CA ARG A 188 -20.57 9.60 0.78
C ARG A 188 -20.46 8.10 0.56
N THR A 189 -21.59 7.44 0.30
CA THR A 189 -21.49 6.01 0.01
C THR A 189 -20.88 5.83 -1.38
N PHE A 190 -20.38 4.62 -1.65
CA PHE A 190 -19.71 4.37 -2.92
C PHE A 190 -20.00 2.97 -3.43
N GLU A 191 -20.37 2.88 -4.70
CA GLU A 191 -20.73 1.58 -5.31
C GLU A 191 -19.49 0.72 -5.29
N GLY A 192 -19.48 -0.33 -4.48
CA GLY A 192 -18.25 -1.12 -4.37
C GLY A 192 -18.12 -1.59 -2.96
N SER A 193 -18.86 -0.96 -2.05
CA SER A 193 -18.88 -1.42 -0.64
C SER A 193 -19.93 -2.52 -0.60
N ALA A 194 -20.97 -2.36 -1.40
CA ALA A 194 -22.07 -3.33 -1.44
C ALA A 194 -21.67 -4.49 -2.34
N VAL A 195 -21.12 -4.18 -3.50
CA VAL A 195 -20.64 -5.29 -4.34
C VAL A 195 -19.63 -6.12 -3.57
N ASN A 196 -18.74 -5.44 -2.83
CA ASN A 196 -17.70 -6.13 -2.08
C ASN A 196 -18.29 -6.94 -0.94
N TRP A 197 -19.25 -6.34 -0.21
CA TRP A 197 -19.99 -7.11 0.78
C TRP A 197 -20.55 -8.40 0.19
N TYR A 198 -21.42 -8.26 -0.81
CA TYR A 198 -22.14 -9.43 -1.30
C TYR A 198 -21.22 -10.40 -1.98
N LYS A 199 -20.06 -9.94 -2.44
CA LYS A 199 -19.06 -10.86 -2.96
C LYS A 199 -18.57 -11.80 -1.87
N ASP A 200 -18.26 -11.24 -0.70
CA ASP A 200 -17.66 -12.02 0.38
C ASP A 200 -18.70 -12.69 1.25
N LEU A 201 -19.89 -12.09 1.43
CA LEU A 201 -21.03 -12.85 1.92
C LEU A 201 -21.14 -14.14 1.15
N GLY A 202 -21.12 -14.04 -0.19
CA GLY A 202 -21.27 -15.22 -1.02
C GLY A 202 -20.22 -16.29 -0.71
N TYR A 203 -19.00 -15.86 -0.41
CA TYR A 203 -17.94 -16.83 -0.13
C TYR A 203 -18.25 -17.58 1.16
N MET A 204 -18.76 -16.87 2.17
CA MET A 204 -19.09 -17.52 3.43
C MET A 204 -20.28 -18.45 3.28
N VAL A 205 -21.28 -18.08 2.50
CA VAL A 205 -22.39 -19.00 2.27
C VAL A 205 -21.86 -20.29 1.65
N ASP A 206 -20.99 -20.17 0.64
CA ASP A 206 -20.40 -21.35 0.01
C ASP A 206 -19.71 -22.25 1.04
N ARG A 207 -18.80 -21.70 1.85
CA ARG A 207 -18.15 -22.50 2.88
C ARG A 207 -19.17 -23.20 3.78
N LEU A 208 -20.20 -22.45 4.21
CA LEU A 208 -21.25 -23.05 5.02
C LEU A 208 -21.92 -24.21 4.31
N ASN A 209 -22.29 -24.05 3.05
CA ASN A 209 -23.09 -25.04 2.36
C ASN A 209 -22.24 -26.04 1.60
N ALA A 210 -20.96 -26.17 1.94
CA ALA A 210 -20.13 -27.18 1.30
C ALA A 210 -20.68 -28.58 1.60
N ASP A 211 -20.65 -29.44 0.58
CA ASP A 211 -21.29 -30.75 0.73
C ASP A 211 -20.60 -31.60 1.80
N PRO A 212 -19.26 -31.71 1.84
CA PRO A 212 -18.64 -32.14 3.09
C PRO A 212 -18.92 -31.06 4.15
N GLU A 213 -20.11 -31.09 4.74
CA GLU A 213 -20.54 -30.00 5.67
C GLU A 213 -19.44 -29.62 6.66
N PRO A 214 -19.34 -28.33 7.01
CA PRO A 214 -18.32 -27.87 7.93
C PRO A 214 -18.42 -28.38 9.35
N THR A 215 -17.40 -29.09 9.81
CA THR A 215 -17.34 -29.46 11.22
C THR A 215 -16.30 -28.49 11.70
N GLU A 216 -16.30 -28.11 12.98
CA GLU A 216 -15.24 -27.23 13.53
C GLU A 216 -15.45 -25.76 13.11
N GLY A 217 -15.10 -24.84 14.00
CA GLY A 217 -15.17 -23.41 13.67
C GLY A 217 -16.54 -22.83 13.87
N LEU A 218 -16.64 -21.50 13.87
CA LEU A 218 -17.97 -20.92 13.94
C LEU A 218 -18.89 -21.48 12.87
N LEU A 219 -18.34 -21.75 11.67
CA LEU A 219 -19.20 -22.30 10.62
C LEU A 219 -19.67 -23.71 10.97
N GLY A 220 -18.78 -24.55 11.50
CA GLY A 220 -19.20 -25.86 11.96
C GLY A 220 -20.16 -25.81 13.14
N ARG A 221 -20.06 -24.74 13.93
CA ARG A 221 -21.07 -24.48 14.95
C ARG A 221 -22.37 -23.99 14.33
N PHE A 222 -22.34 -23.50 13.10
CA PHE A 222 -23.53 -22.94 12.48
C PHE A 222 -24.38 -24.01 11.80
N ALA A 223 -23.74 -24.95 11.08
CA ALA A 223 -24.48 -26.08 10.52
C ALA A 223 -25.26 -26.82 11.59
N GLU A 224 -24.64 -27.01 12.75
CA GLU A 224 -25.32 -27.68 13.85
C GLU A 224 -26.51 -26.87 14.33
N LEU A 225 -26.45 -25.55 14.24
CA LEU A 225 -27.51 -24.74 14.83
C LEU A 225 -28.79 -24.85 14.02
N ARG A 226 -28.69 -25.08 12.71
CA ARG A 226 -29.90 -25.15 11.90
C ARG A 226 -30.43 -26.56 11.74
N ARG A 227 -29.73 -27.58 12.26
CA ARG A 227 -30.30 -28.91 12.40
C ARG A 227 -30.98 -29.12 13.75
N SER A 228 -30.94 -28.12 14.62
CA SER A 228 -31.71 -28.18 15.85
C SER A 228 -33.20 -27.96 15.54
N PRO A 229 -34.10 -28.44 16.40
CA PRO A 229 -35.53 -28.29 16.11
C PRO A 229 -36.11 -26.90 16.33
N ASP A 230 -35.49 -26.03 17.14
CA ASP A 230 -36.06 -24.72 17.44
C ASP A 230 -34.97 -23.66 17.37
N VAL A 235 -33.57 -18.61 11.82
CA VAL A 235 -32.29 -18.00 11.48
C VAL A 235 -31.83 -18.48 10.11
N SER A 236 -31.60 -17.54 9.18
CA SER A 236 -31.46 -17.80 7.76
C SER A 236 -30.00 -17.83 7.32
N ASP A 237 -29.77 -18.44 6.16
CA ASP A 237 -28.40 -18.52 5.62
C ASP A 237 -27.80 -17.14 5.34
N GLU A 238 -28.63 -16.17 4.94
CA GLU A 238 -28.14 -14.81 4.77
C GLU A 238 -27.52 -14.29 6.06
N LEU A 239 -28.33 -14.21 7.12
CA LEU A 239 -27.86 -13.64 8.37
C LEU A 239 -26.66 -14.40 8.92
N LEU A 240 -26.59 -15.71 8.68
CA LEU A 240 -25.54 -16.51 9.28
C LEU A 240 -24.18 -16.18 8.69
N ALA A 241 -24.12 -15.99 7.39
CA ALA A 241 -22.88 -15.59 6.77
C ALA A 241 -22.56 -14.13 7.09
N THR A 242 -23.59 -13.30 7.23
CA THR A 242 -23.41 -11.94 7.72
C THR A 242 -22.61 -11.91 9.02
N VAL A 243 -23.01 -12.71 10.01
CA VAL A 243 -22.30 -12.74 11.28
C VAL A 243 -20.86 -13.22 11.08
N ALA A 244 -20.70 -14.31 10.34
CA ALA A 244 -19.37 -14.86 10.14
C ALA A 244 -18.48 -13.88 9.40
N LEU A 245 -19.03 -13.17 8.42
CA LEU A 245 -18.22 -12.18 7.70
C LEU A 245 -17.84 -11.02 8.61
N SER A 246 -18.83 -10.35 9.22
CA SER A 246 -18.48 -9.18 10.03
C SER A 246 -17.62 -9.54 11.22
N LEU A 247 -17.53 -10.82 11.58
CA LEU A 247 -16.57 -11.25 12.60
C LEU A 247 -15.16 -11.36 12.05
N PHE A 248 -14.99 -12.11 10.95
CA PHE A 248 -13.71 -12.14 10.27
C PHE A 248 -13.26 -10.74 9.89
N GLY A 249 -14.21 -9.89 9.49
CA GLY A 249 -13.89 -8.53 9.14
C GLY A 249 -13.24 -7.84 10.31
N ALA A 250 -14.01 -7.69 11.39
CA ALA A 250 -13.57 -6.84 12.49
C ALA A 250 -12.33 -7.39 13.18
N GLY A 251 -12.24 -8.70 13.31
CA GLY A 251 -11.14 -9.24 14.08
C GLY A 251 -9.83 -9.17 13.34
N ALA A 252 -9.83 -9.61 12.08
CA ALA A 252 -8.61 -9.61 11.30
C ALA A 252 -8.08 -8.20 11.11
N VAL A 253 -8.97 -7.22 10.92
CA VAL A 253 -8.51 -5.85 10.69
C VAL A 253 -8.04 -5.23 12.00
N SER A 254 -8.75 -5.50 13.09
CA SER A 254 -8.34 -4.97 14.38
C SER A 254 -7.01 -5.55 14.83
N THR A 255 -6.77 -6.81 14.56
CA THR A 255 -5.59 -7.47 15.07
C THR A 255 -4.36 -7.26 14.19
N SER A 256 -4.55 -7.10 12.88
CA SER A 256 -3.41 -6.87 12.01
C SER A 256 -2.88 -5.46 12.21
N ALA A 257 -3.80 -4.50 12.28
CA ALA A 257 -3.38 -3.12 12.41
C ALA A 257 -2.73 -2.91 13.77
N PHE A 258 -3.36 -3.45 14.82
CA PHE A 258 -2.75 -3.36 16.14
C PHE A 258 -1.35 -3.95 16.14
N LEU A 259 -1.24 -5.16 15.60
CA LEU A 259 0.03 -5.85 15.61
C LEU A 259 1.12 -4.98 14.98
N GLN A 260 0.82 -4.31 13.87
CA GLN A 260 1.87 -3.55 13.19
C GLN A 260 2.32 -2.37 14.02
N HIS A 261 1.40 -1.76 14.75
CA HIS A 261 1.76 -0.72 15.70
C HIS A 261 2.59 -1.28 16.85
N ALA A 262 2.21 -2.46 17.36
CA ALA A 262 3.06 -3.18 18.31
C ALA A 262 4.48 -3.33 17.77
N ILE A 263 4.61 -3.72 16.51
CA ILE A 263 5.93 -3.98 15.95
C ILE A 263 6.70 -2.68 15.82
N ILE A 264 6.07 -1.64 15.25
CA ILE A 264 6.75 -0.36 15.12
C ILE A 264 7.33 0.03 16.45
N ALA A 265 6.58 -0.21 17.53
CA ALA A 265 7.04 0.16 18.86
C ALA A 265 8.31 -0.59 19.22
N LEU A 266 8.31 -1.91 19.01
CA LEU A 266 9.43 -2.77 19.37
C LEU A 266 10.68 -2.43 18.57
N ALA A 267 10.50 -1.99 17.31
CA ALA A 267 11.64 -1.69 16.45
C ALA A 267 12.30 -0.38 16.84
N GLN A 268 11.49 0.62 17.16
CA GLN A 268 11.94 1.96 17.50
C GLN A 268 12.52 2.04 18.89
N GLN A 269 12.00 1.24 19.81
CA GLN A 269 12.49 1.18 21.19
C GLN A 269 12.99 -0.24 21.47
N PRO A 270 14.14 -0.59 20.92
CA PRO A 270 14.72 -1.93 21.15
C PRO A 270 14.79 -2.36 22.62
N GLU A 271 15.07 -1.45 23.56
CA GLU A 271 15.09 -1.80 24.97
C GLU A 271 13.85 -2.62 25.37
N LEU A 272 12.72 -2.39 24.69
CA LEU A 272 11.51 -3.15 24.96
C LEU A 272 11.64 -4.60 24.51
N ALA A 273 12.28 -4.84 23.36
CA ALA A 273 12.57 -6.21 22.95
C ALA A 273 13.48 -6.89 23.95
N ASP A 274 14.61 -6.24 24.27
CA ASP A 274 15.52 -6.73 25.31
C ASP A 274 14.77 -7.16 26.57
N ARG A 275 13.71 -6.41 26.92
CA ARG A 275 12.92 -6.71 28.10
C ARG A 275 12.11 -7.98 27.91
N LEU A 276 11.50 -8.16 26.74
CA LEU A 276 10.72 -9.37 26.51
C LEU A 276 11.60 -10.59 26.35
N ARG A 277 12.88 -10.37 26.03
CA ARG A 277 13.77 -11.52 26.01
C ARG A 277 14.23 -11.86 27.42
N ALA A 278 14.47 -10.83 28.24
CA ALA A 278 14.95 -11.03 29.60
C ALA A 278 13.86 -11.56 30.52
N GLU A 279 12.62 -11.13 30.30
CA GLU A 279 11.49 -11.41 31.19
C GLU A 279 10.28 -11.87 30.38
N PRO A 280 10.37 -13.02 29.71
CA PRO A 280 9.30 -13.42 28.78
C PRO A 280 7.90 -13.31 29.34
N ALA A 281 7.71 -13.50 30.64
CA ALA A 281 6.38 -13.49 31.24
C ALA A 281 5.71 -12.11 31.21
N VAL A 282 6.48 -11.04 30.94
CA VAL A 282 5.95 -9.68 30.92
C VAL A 282 5.26 -9.39 29.59
N ILE A 283 5.11 -10.43 28.75
CA ILE A 283 4.44 -10.27 27.47
C ILE A 283 3.00 -9.83 27.66
N GLY A 284 2.32 -10.42 28.66
CA GLY A 284 0.96 -9.98 28.94
C GLY A 284 0.89 -8.51 29.29
N ARG A 285 1.74 -8.06 30.21
CA ARG A 285 1.74 -6.65 30.59
C ARG A 285 2.07 -5.77 29.40
N ALA A 286 2.99 -6.23 28.58
CA ALA A 286 3.42 -5.46 27.42
C ALA A 286 2.27 -5.29 26.45
N VAL A 287 1.61 -6.39 26.08
CA VAL A 287 0.47 -6.28 25.18
C VAL A 287 -0.60 -5.38 25.76
N ASP A 288 -0.66 -5.27 27.09
CA ASP A 288 -1.63 -4.36 27.74
C ASP A 288 -1.16 -2.91 27.59
N GLU A 289 0.10 -2.61 27.89
CA GLU A 289 0.57 -1.24 27.67
C GLU A 289 0.54 -0.89 26.19
N LEU A 290 1.02 -1.80 25.34
CA LEU A 290 0.96 -1.55 23.91
C LEU A 290 -0.47 -1.28 23.46
N LEU A 291 -1.44 -2.05 23.97
CA LEU A 291 -2.83 -1.77 23.65
C LEU A 291 -3.23 -0.35 24.07
N ARG A 292 -2.85 0.05 25.28
CA ARG A 292 -3.14 1.42 25.69
C ARG A 292 -2.49 2.42 24.74
N TYR A 293 -1.25 2.13 24.33
CA TYR A 293 -0.45 3.08 23.56
C TYR A 293 -0.74 3.05 22.05
N ASN A 294 -1.22 1.93 21.55
CA ASN A 294 -1.41 1.73 20.12
C ASN A 294 -2.30 2.82 19.53
N LEU A 295 -2.02 3.19 18.27
CA LEU A 295 -2.80 4.18 17.54
C LEU A 295 -3.48 3.58 16.31
N SER A 296 -3.63 2.25 16.26
CA SER A 296 -4.28 1.63 15.12
C SER A 296 -5.70 2.17 14.86
N ILE A 297 -6.44 2.57 15.89
CA ILE A 297 -7.83 3.01 15.68
C ILE A 297 -7.82 4.42 15.09
N GLY A 298 -8.23 4.54 13.81
CA GLY A 298 -8.24 5.79 13.09
C GLY A 298 -9.56 6.56 13.09
N ASP A 299 -10.64 5.93 13.55
CA ASP A 299 -11.92 6.60 13.75
C ASP A 299 -12.12 6.86 15.24
N ALA A 300 -13.34 7.25 15.61
CA ALA A 300 -13.80 7.23 17.00
C ALA A 300 -14.90 6.20 17.15
N LEU A 301 -15.31 5.94 18.38
CA LEU A 301 -16.40 5.00 18.61
C LEU A 301 -17.71 5.76 18.63
N PRO A 302 -18.67 5.43 17.76
CA PRO A 302 -19.88 6.23 17.63
C PRO A 302 -21.03 5.74 18.50
N ARG A 303 -21.81 6.72 18.97
CA ARG A 303 -23.04 6.48 19.69
C ARG A 303 -24.08 7.51 19.25
N ILE A 304 -25.36 7.16 19.37
CA ILE A 304 -26.45 8.13 19.22
C ILE A 304 -27.16 8.33 20.55
N ALA A 305 -27.15 9.56 21.05
CA ALA A 305 -27.90 9.92 22.24
C ALA A 305 -29.38 9.66 22.02
N LEU A 306 -29.98 8.86 22.89
CA LEU A 306 -31.42 8.62 22.84
C LEU A 306 -32.21 9.68 23.59
N ALA A 307 -31.72 10.14 24.74
CA ALA A 307 -32.27 11.28 25.46
C ALA A 307 -31.17 12.30 25.69
N ASP A 308 -31.57 13.54 25.96
CA ASP A 308 -30.58 14.58 26.27
C ASP A 308 -29.80 14.20 27.52
N VAL A 309 -28.49 14.42 27.48
CA VAL A 309 -27.61 14.10 28.60
C VAL A 309 -26.66 15.26 28.83
N ARG A 310 -26.45 15.61 30.10
CA ARG A 310 -25.39 16.52 30.48
C ARG A 310 -24.12 15.70 30.67
N LEU A 311 -23.21 15.81 29.71
CA LEU A 311 -21.92 15.13 29.77
C LEU A 311 -20.85 16.20 29.86
N GLY A 312 -20.10 16.21 30.95
CA GLY A 312 -19.24 17.34 31.12
C GLY A 312 -20.07 18.61 31.16
N GLU A 313 -19.48 19.70 30.66
CA GLU A 313 -20.15 21.00 30.60
C GLU A 313 -20.91 21.22 29.30
N VAL A 314 -21.43 20.15 28.70
CA VAL A 314 -22.03 20.20 27.37
C VAL A 314 -23.37 19.50 27.41
N GLU A 315 -24.38 20.13 26.81
CA GLU A 315 -25.74 19.61 26.76
C GLU A 315 -25.94 18.94 25.41
N ILE A 316 -25.88 17.61 25.39
CA ILE A 316 -26.04 16.83 24.16
C ILE A 316 -27.52 16.52 23.96
N ARG A 317 -28.05 16.97 22.82
CA ARG A 317 -29.46 16.78 22.49
C ARG A 317 -29.69 15.35 22.01
N ALA A 318 -30.90 14.83 22.26
CA ALA A 318 -31.25 13.49 21.78
C ALA A 318 -31.15 13.44 20.25
N GLY A 319 -30.50 12.40 19.75
CA GLY A 319 -30.36 12.23 18.32
C GLY A 319 -29.10 12.81 17.70
N GLU A 320 -28.28 13.51 18.50
CA GLU A 320 -26.96 13.96 18.08
C GLU A 320 -25.96 12.81 18.18
N LEU A 321 -24.82 12.97 17.52
CA LEU A 321 -23.82 11.91 17.43
C LEU A 321 -22.69 12.15 18.42
N VAL A 322 -22.26 11.10 19.09
CA VAL A 322 -21.19 11.18 20.06
C VAL A 322 -20.07 10.24 19.62
N LEU A 323 -18.85 10.77 19.52
CA LEU A 323 -17.68 10.03 19.08
C LEU A 323 -16.71 9.96 20.24
N VAL A 324 -16.49 8.76 20.76
CA VAL A 324 -15.52 8.56 21.84
C VAL A 324 -14.14 8.31 21.24
N LEU A 325 -13.19 9.19 21.58
CA LEU A 325 -11.81 9.13 21.09
C LEU A 325 -10.93 8.36 22.08
N ILE A 326 -10.76 7.05 21.82
CA ILE A 326 -9.95 6.14 22.66
C ILE A 326 -8.56 6.70 22.90
N GLU A 327 -7.90 7.20 21.87
CA GLU A 327 -6.54 7.67 22.08
C GLU A 327 -6.50 8.85 23.03
N GLY A 328 -7.54 9.68 23.03
CA GLY A 328 -7.59 10.77 23.99
C GLY A 328 -7.66 10.26 25.41
N ALA A 329 -8.54 9.29 25.66
CA ALA A 329 -8.70 8.72 26.98
C ALA A 329 -7.47 7.93 27.39
N ASN A 330 -6.97 7.07 26.51
CA ASN A 330 -5.85 6.24 26.88
C ASN A 330 -4.56 7.02 27.03
N TYR A 331 -4.52 8.28 26.60
CA TYR A 331 -3.38 9.16 26.85
C TYR A 331 -3.68 10.30 27.83
N ASP A 332 -4.87 10.29 28.47
CA ASP A 332 -5.23 11.26 29.49
C ASP A 332 -4.27 11.19 30.65
N PRO A 333 -3.56 12.27 30.98
CA PRO A 333 -2.60 12.19 32.09
C PRO A 333 -3.26 12.21 33.47
N ALA A 334 -4.55 12.55 33.55
CA ALA A 334 -5.25 12.52 34.83
C ALA A 334 -5.34 11.11 35.38
N VAL A 335 -5.12 10.10 34.54
CA VAL A 335 -5.39 8.71 34.84
C VAL A 335 -4.14 7.87 34.58
N PHE A 336 -3.40 8.24 33.54
CA PHE A 336 -2.15 7.56 33.19
C PHE A 336 -0.98 8.53 33.30
N PRO A 337 -0.19 8.45 34.36
CA PRO A 337 0.99 9.33 34.47
C PRO A 337 1.99 9.07 33.35
N HIS A 338 2.58 10.16 32.84
CA HIS A 338 3.45 10.20 31.65
C HIS A 338 2.90 9.31 30.55
N PRO A 339 1.74 9.67 30.00
CA PRO A 339 1.10 8.82 28.98
C PRO A 339 1.89 8.66 27.70
N GLU A 340 2.79 9.58 27.38
CA GLU A 340 3.48 9.52 26.10
C GLU A 340 4.57 8.45 26.09
N ARG A 341 4.91 7.90 27.25
CA ARG A 341 6.06 7.02 27.42
C ARG A 341 5.57 5.59 27.66
N ILE A 342 5.87 4.70 26.71
CA ILE A 342 5.59 3.28 26.91
C ILE A 342 6.22 2.83 28.20
N ASP A 343 5.43 2.21 29.07
CA ASP A 343 5.85 1.79 30.38
C ASP A 343 5.29 0.40 30.64
N PHE A 344 6.16 -0.59 30.78
CA PHE A 344 5.65 -1.91 31.08
C PHE A 344 5.35 -2.12 32.56
N ASP A 345 5.75 -1.20 33.42
CA ASP A 345 5.72 -1.39 34.86
C ASP A 345 4.72 -0.46 35.55
N ARG A 346 3.59 -0.20 34.89
CA ARG A 346 2.58 0.68 35.46
C ARG A 346 1.83 -0.02 36.58
N GLU A 347 1.61 0.71 37.67
CA GLU A 347 0.89 0.18 38.83
C GLU A 347 -0.52 -0.22 38.46
N SER A 348 -1.18 0.60 37.66
CA SER A 348 -2.55 0.36 37.20
C SER A 348 -2.60 0.76 35.73
N ASN A 349 -3.47 0.11 34.98
CA ASN A 349 -3.56 0.41 33.55
C ASN A 349 -4.96 0.14 33.03
N PRO A 350 -5.94 0.86 33.50
CA PRO A 350 -7.33 0.56 33.15
C PRO A 350 -7.74 1.18 31.83
N HIS A 351 -7.05 0.78 30.76
CA HIS A 351 -7.26 1.48 29.51
C HIS A 351 -8.56 1.06 28.84
N LEU A 352 -8.91 1.77 27.77
CA LEU A 352 -10.12 1.53 27.01
C LEU A 352 -9.82 1.13 25.57
N ALA A 353 -8.71 0.41 25.36
CA ALA A 353 -8.35 -0.02 24.01
C ALA A 353 -9.34 -1.03 23.49
N PHE A 354 -9.98 -1.76 24.39
CA PHE A 354 -10.97 -2.76 24.04
C PHE A 354 -12.37 -2.21 24.16
N GLY A 355 -12.51 -0.88 24.33
CA GLY A 355 -13.80 -0.27 24.56
C GLY A 355 -14.22 -0.33 26.02
N GLY A 356 -15.52 -0.31 26.22
CA GLY A 356 -16.06 -0.42 27.57
C GLY A 356 -17.55 -0.66 27.50
N GLY A 357 -18.11 -0.90 28.68
CA GLY A 357 -19.55 -0.92 28.78
C GLY A 357 -20.17 -2.14 28.13
N GLN A 358 -21.40 -1.96 27.68
CA GLN A 358 -22.12 -3.08 27.10
C GLN A 358 -21.33 -3.71 25.96
N HIS A 359 -20.71 -2.90 25.12
CA HIS A 359 -20.15 -3.36 23.86
C HIS A 359 -18.66 -3.65 23.90
N PHE A 360 -18.07 -3.72 25.10
CA PHE A 360 -16.68 -4.14 25.28
C PHE A 360 -16.34 -5.31 24.37
N CYS A 361 -15.16 -5.29 23.75
CA CYS A 361 -14.83 -6.30 22.74
C CYS A 361 -15.01 -7.71 23.27
N PRO A 362 -15.91 -8.49 22.69
CA PRO A 362 -16.12 -9.87 23.13
C PRO A 362 -14.92 -10.74 22.85
N ALA A 363 -13.90 -10.19 22.20
CA ALA A 363 -12.72 -10.98 21.83
C ALA A 363 -11.44 -10.43 22.43
N SER A 364 -11.55 -9.52 23.40
CA SER A 364 -10.39 -8.99 24.10
C SER A 364 -9.35 -10.08 24.35
N ALA A 365 -9.79 -11.21 24.90
CA ALA A 365 -8.84 -12.24 25.32
C ALA A 365 -8.14 -12.86 24.13
N LEU A 366 -8.90 -13.22 23.09
CA LEU A 366 -8.32 -13.68 21.82
C LEU A 366 -7.33 -12.67 21.28
N GLY A 367 -7.80 -11.42 21.11
CA GLY A 367 -6.95 -10.30 20.74
C GLY A 367 -5.67 -10.37 21.52
N ARG A 368 -5.77 -10.29 22.87
CA ARG A 368 -4.58 -10.35 23.70
C ARG A 368 -3.72 -11.57 23.40
N THR A 369 -4.36 -12.75 23.31
CA THR A 369 -3.58 -13.97 23.06
C THR A 369 -2.90 -13.90 21.69
N HIS A 370 -3.64 -13.47 20.68
CA HIS A 370 -3.10 -13.33 19.34
C HIS A 370 -1.87 -12.41 19.34
N ALA A 371 -1.92 -11.32 20.10
CA ALA A 371 -0.82 -10.37 20.09
C ALA A 371 0.38 -10.88 20.90
N GLU A 372 0.12 -11.54 22.01
CA GLU A 372 1.20 -12.03 22.86
C GLU A 372 2.02 -13.07 22.13
N ILE A 373 1.36 -13.97 21.43
CA ILE A 373 2.09 -15.01 20.76
C ILE A 373 2.91 -14.43 19.63
N ALA A 374 2.28 -13.57 18.83
CA ALA A 374 2.99 -12.88 17.75
C ALA A 374 4.29 -12.26 18.23
N LEU A 375 4.21 -11.45 19.29
CA LEU A 375 5.34 -10.63 19.70
C LEU A 375 6.41 -11.42 20.46
N THR A 376 6.03 -12.47 21.17
CA THR A 376 7.04 -13.35 21.74
C THR A 376 7.90 -13.96 20.64
N ALA A 377 7.24 -14.52 19.62
CA ALA A 377 7.91 -15.10 18.46
C ALA A 377 8.80 -14.08 17.77
N LEU A 378 8.38 -12.83 17.78
CA LEU A 378 9.08 -11.79 17.04
C LEU A 378 10.40 -11.43 17.71
N VAL A 379 10.41 -11.26 19.03
CA VAL A 379 11.65 -10.90 19.70
C VAL A 379 12.63 -12.07 19.86
N GLU A 380 12.19 -13.31 19.65
CA GLU A 380 13.06 -14.46 19.70
C GLU A 380 13.64 -14.78 18.33
N LYS A 381 12.83 -14.58 17.28
CA LYS A 381 13.25 -14.90 15.92
C LYS A 381 14.13 -13.79 15.32
N LEU A 382 13.66 -12.53 15.36
CA LEU A 382 14.43 -11.39 14.88
C LEU A 382 14.86 -10.50 16.04
N PRO A 383 15.92 -10.87 16.77
CA PRO A 383 16.35 -10.04 17.90
C PRO A 383 16.97 -8.72 17.49
N ALA A 384 17.32 -8.54 16.22
CA ALA A 384 17.91 -7.28 15.78
C ALA A 384 16.89 -6.36 15.12
N LEU A 385 15.63 -6.78 15.09
CA LEU A 385 14.53 -6.13 14.40
C LEU A 385 14.56 -4.63 14.54
N ARG A 386 14.52 -3.95 13.41
CA ARG A 386 14.56 -2.50 13.40
C ARG A 386 14.02 -2.05 12.05
N LEU A 387 13.58 -0.82 11.98
CA LEU A 387 13.02 -0.37 10.71
C LEU A 387 14.13 -0.26 9.67
N ALA A 388 13.77 -0.49 8.41
CA ALA A 388 14.72 -0.38 7.31
C ALA A 388 15.02 1.05 6.95
N LEU A 389 14.24 2.01 7.45
CA LEU A 389 14.30 3.39 6.99
C LEU A 389 13.72 4.28 8.08
N PRO A 390 13.94 5.57 8.01
CA PRO A 390 13.45 6.43 9.08
C PRO A 390 11.94 6.30 9.23
N VAL A 391 11.48 6.29 10.49
CA VAL A 391 10.08 6.06 10.79
C VAL A 391 9.21 7.12 10.13
N GLU A 392 9.77 8.32 9.96
CA GLU A 392 9.05 9.47 9.43
C GLU A 392 8.71 9.29 7.97
N GLN A 393 9.20 8.23 7.35
CA GLN A 393 8.99 7.97 5.95
C GLN A 393 8.07 6.78 5.70
N LEU A 394 7.63 6.07 6.74
CA LEU A 394 6.63 5.03 6.56
C LEU A 394 5.40 5.64 5.88
N ALA A 395 4.81 4.91 4.94
CA ALA A 395 3.62 5.40 4.26
C ALA A 395 2.38 5.04 5.08
N TRP A 396 1.74 6.04 5.67
CA TRP A 396 0.54 5.83 6.49
C TRP A 396 -0.69 5.80 5.60
N ARG A 397 -1.53 4.78 5.78
CA ARG A 397 -2.67 4.59 4.87
C ARG A 397 -3.73 5.64 5.10
N PRO A 398 -4.20 6.33 4.07
CA PRO A 398 -5.33 7.26 4.21
C PRO A 398 -6.68 6.54 4.26
N GLY A 399 -7.69 7.25 4.75
CA GLY A 399 -9.07 6.92 4.43
C GLY A 399 -9.57 5.57 4.89
N PHE A 400 -9.00 5.03 5.97
CA PHE A 400 -9.30 3.70 6.49
C PHE A 400 -9.72 3.83 7.95
N ILE A 401 -10.53 2.87 8.42
CA ILE A 401 -10.88 2.84 9.84
C ILE A 401 -9.64 2.76 10.72
N LYS A 402 -8.58 2.13 10.24
CA LYS A 402 -7.37 2.00 11.02
C LYS A 402 -6.28 2.93 10.48
N ARG A 403 -5.38 3.34 11.36
CA ARG A 403 -4.08 3.87 10.95
C ARG A 403 -3.14 2.70 10.78
N LEU A 404 -2.59 2.52 9.59
CA LEU A 404 -1.60 1.47 9.45
C LEU A 404 -0.56 1.90 8.42
N PRO A 405 0.70 1.50 8.59
CA PRO A 405 1.67 1.65 7.52
C PRO A 405 1.29 0.76 6.34
N GLU A 406 1.43 1.31 5.12
CA GLU A 406 1.18 0.53 3.92
C GLU A 406 2.17 -0.60 3.78
N ARG A 407 3.44 -0.33 4.00
CA ARG A 407 4.44 -1.34 4.14
C ARG A 407 5.16 -1.08 5.45
N LEU A 408 5.67 -2.17 6.04
CA LEU A 408 6.43 -2.15 7.28
C LEU A 408 7.78 -2.82 7.05
N PRO A 409 8.68 -2.16 6.33
CA PRO A 409 10.02 -2.75 6.08
C PRO A 409 10.90 -2.77 7.32
N VAL A 410 11.46 -3.94 7.62
CA VAL A 410 12.33 -4.10 8.77
C VAL A 410 13.63 -4.81 8.39
N LEU A 411 14.65 -4.57 9.18
CA LEU A 411 15.95 -5.24 9.12
C LEU A 411 16.20 -6.06 10.40
N TRP A 412 17.11 -7.04 10.31
CA TRP A 412 17.47 -7.79 11.51
C TRP A 412 18.80 -8.58 11.46
N PRO B 18 15.13 34.74 -1.47
CA PRO B 18 13.74 34.34 -1.80
C PRO B 18 13.44 32.90 -1.39
N PRO B 19 12.16 32.55 -1.30
CA PRO B 19 11.79 31.13 -1.09
C PRO B 19 11.84 30.34 -2.39
N LEU B 20 12.53 29.19 -2.37
CA LEU B 20 12.69 28.39 -3.62
C LEU B 20 11.55 27.37 -3.73
N PRO B 21 11.11 26.98 -4.95
CA PRO B 21 10.08 25.98 -5.10
C PRO B 21 10.57 24.61 -4.66
N ASP B 22 9.70 23.78 -4.09
CA ASP B 22 10.15 22.44 -3.73
C ASP B 22 9.96 21.47 -4.89
N PHE B 23 10.83 20.46 -4.92
CA PHE B 23 10.71 19.33 -5.83
C PHE B 23 10.95 18.04 -5.03
N PRO B 24 10.16 16.96 -5.28
CA PRO B 24 9.14 16.69 -6.30
C PRO B 24 7.84 17.48 -6.13
N LEU B 25 6.90 17.35 -7.08
CA LEU B 25 5.70 18.23 -7.07
C LEU B 25 4.49 17.65 -6.31
N SER B 26 3.93 16.51 -6.73
CA SER B 26 2.70 16.01 -6.05
C SER B 26 2.52 14.51 -6.30
N ARG B 27 2.36 13.75 -5.23
CA ARG B 27 2.25 12.29 -5.36
C ARG B 27 0.90 11.95 -5.99
N ARG B 28 0.00 12.94 -6.07
CA ARG B 28 -1.27 12.65 -6.73
C ARG B 28 -1.11 12.71 -8.25
N GLY B 29 -1.43 11.61 -8.93
CA GLY B 29 -1.22 11.50 -10.37
C GLY B 29 -2.43 11.27 -11.27
N ASP B 30 -3.57 11.87 -10.95
CA ASP B 30 -4.72 11.78 -11.84
C ASP B 30 -5.10 13.11 -12.46
N ILE B 31 -4.42 14.20 -12.08
CA ILE B 31 -4.25 15.35 -12.97
C ILE B 31 -2.80 15.79 -12.93
N LEU B 32 -2.41 16.48 -13.99
CA LEU B 32 -1.17 17.23 -13.99
C LEU B 32 -1.14 18.11 -12.74
N PRO B 33 -0.03 18.13 -12.00
CA PRO B 33 0.06 19.09 -10.89
C PRO B 33 0.02 20.50 -11.42
N ALA B 34 -0.81 21.34 -10.78
CA ALA B 34 -0.88 22.74 -11.15
C ALA B 34 0.52 23.35 -11.29
N GLU B 35 1.38 23.05 -10.33
CA GLU B 35 2.71 23.65 -10.26
C GLU B 35 3.51 23.40 -11.55
N ALA B 36 3.41 22.18 -12.10
CA ALA B 36 4.12 21.88 -13.35
C ALA B 36 3.75 22.89 -14.43
N GLU B 37 2.46 23.19 -14.55
CA GLU B 37 1.99 24.16 -15.53
C GLU B 37 2.54 25.55 -15.24
N ARG B 38 2.46 25.98 -13.97
CA ARG B 38 2.90 27.32 -13.64
C ARG B 38 4.39 27.49 -13.87
N LEU B 39 5.17 26.46 -13.58
CA LEU B 39 6.62 26.50 -13.81
C LEU B 39 6.93 26.65 -15.29
N ARG B 40 6.43 25.72 -16.10
CA ARG B 40 6.67 25.77 -17.54
C ARG B 40 6.27 27.10 -18.13
N ALA B 41 5.14 27.65 -17.70
CA ALA B 41 4.74 28.97 -18.17
C ALA B 41 5.75 30.03 -17.72
N GLU B 42 5.91 30.22 -16.41
CA GLU B 42 6.61 31.37 -15.87
C GLU B 42 8.14 31.23 -15.92
N GLN B 43 8.69 30.12 -15.39
CA GLN B 43 10.13 29.86 -15.45
C GLN B 43 10.43 28.44 -15.90
N PRO B 44 10.51 28.22 -17.22
CA PRO B 44 10.77 26.87 -17.73
C PRO B 44 12.13 26.31 -17.36
N VAL B 45 13.05 27.13 -16.84
CA VAL B 45 14.19 26.65 -16.09
C VAL B 45 14.14 27.36 -14.75
N ALA B 46 14.07 26.60 -13.66
CA ALA B 46 13.87 27.19 -12.35
C ALA B 46 14.74 26.51 -11.31
N ARG B 47 15.40 27.32 -10.48
CA ARG B 47 16.15 26.75 -9.37
C ARG B 47 15.17 26.25 -8.32
N VAL B 48 15.29 24.98 -7.95
CA VAL B 48 14.38 24.34 -7.01
C VAL B 48 15.18 23.67 -5.89
N ARG B 49 14.47 23.29 -4.82
CA ARG B 49 15.06 22.63 -3.65
C ARG B 49 14.57 21.17 -3.61
N THR B 50 15.46 20.25 -4.00
CA THR B 50 15.13 18.84 -3.94
C THR B 50 15.07 18.37 -2.49
N MET B 51 14.56 17.16 -2.30
CA MET B 51 14.29 16.66 -0.95
C MET B 51 15.55 16.40 -0.14
N THR B 52 16.72 16.37 -0.77
CA THR B 52 17.95 16.22 -0.02
C THR B 52 18.45 17.53 0.53
N GLY B 53 17.87 18.65 0.06
CA GLY B 53 18.29 19.99 0.42
C GLY B 53 19.15 20.67 -0.63
N ASP B 54 19.78 19.89 -1.51
CA ASP B 54 20.52 20.43 -2.62
C ASP B 54 19.60 21.25 -3.52
N GLU B 55 20.23 22.05 -4.37
CA GLU B 55 19.56 22.85 -5.37
C GLU B 55 19.84 22.26 -6.74
N ALA B 56 18.84 22.28 -7.62
CA ALA B 56 19.00 21.84 -8.99
C ALA B 56 18.21 22.77 -9.89
N TRP B 57 18.34 22.56 -11.20
CA TRP B 57 17.61 23.30 -12.22
C TRP B 57 16.50 22.40 -12.75
N LEU B 58 15.26 22.86 -12.66
CA LEU B 58 14.12 22.07 -13.11
C LEU B 58 13.68 22.58 -14.48
N VAL B 59 13.87 21.75 -15.49
CA VAL B 59 13.52 22.08 -16.86
C VAL B 59 12.15 21.47 -17.14
N SER B 60 11.19 22.33 -17.50
CA SER B 60 9.78 21.98 -17.47
C SER B 60 9.02 22.28 -18.77
N SER B 61 9.72 22.72 -19.82
CA SER B 61 9.11 22.93 -21.13
C SER B 61 9.72 21.96 -22.12
N TYR B 62 8.97 21.69 -23.21
CA TYR B 62 9.35 20.63 -24.14
C TYR B 62 10.63 20.97 -24.89
N GLU B 63 10.69 22.18 -25.46
CA GLU B 63 11.86 22.60 -26.24
C GLU B 63 13.14 22.45 -25.43
N LEU B 64 13.16 22.99 -24.22
CA LEU B 64 14.37 22.93 -23.41
C LEU B 64 14.60 21.55 -22.82
N ALA B 65 13.55 20.79 -22.55
CA ALA B 65 13.74 19.42 -22.08
C ALA B 65 14.42 18.58 -23.15
N LYS B 66 13.84 18.55 -24.35
CA LYS B 66 14.43 17.80 -25.46
C LYS B 66 15.84 18.28 -25.75
N GLN B 67 16.15 19.54 -25.41
CA GLN B 67 17.52 20.05 -25.56
C GLN B 67 18.46 19.36 -24.59
N VAL B 68 18.10 19.30 -23.30
CA VAL B 68 18.98 18.69 -22.31
C VAL B 68 19.18 17.20 -22.58
N LEU B 69 18.14 16.53 -23.06
CA LEU B 69 18.28 15.10 -23.28
C LEU B 69 19.22 14.79 -24.45
N GLU B 70 19.25 15.67 -25.45
CA GLU B 70 20.09 15.45 -26.63
C GLU B 70 21.46 16.09 -26.50
N ASP B 71 21.59 17.18 -25.75
CA ASP B 71 22.88 17.81 -25.49
C ASP B 71 23.68 16.96 -24.50
N ASP B 72 24.77 16.35 -24.97
CA ASP B 72 25.49 15.36 -24.15
C ASP B 72 26.46 15.97 -23.15
N ARG B 73 26.63 17.30 -23.12
CA ARG B 73 27.33 17.93 -22.01
C ARG B 73 26.56 17.80 -20.71
N PHE B 74 25.30 17.39 -20.78
CA PHE B 74 24.47 17.06 -19.63
C PHE B 74 24.49 15.54 -19.49
N SER B 75 25.26 15.06 -18.52
CA SER B 75 25.56 13.64 -18.38
C SER B 75 24.66 12.96 -17.36
N LEU B 76 24.36 11.68 -17.64
CA LEU B 76 23.65 10.86 -16.68
C LEU B 76 24.59 10.18 -15.70
N LYS B 77 25.61 9.46 -16.21
CA LYS B 77 26.58 8.74 -15.40
C LYS B 77 27.05 9.52 -14.18
N ASP B 78 27.35 10.81 -14.35
CA ASP B 78 27.91 11.63 -13.28
C ASP B 78 26.91 11.95 -12.18
N THR B 79 25.63 11.58 -12.32
CA THR B 79 24.69 11.82 -11.22
C THR B 79 24.98 10.91 -10.05
N ALA B 80 25.76 9.85 -10.27
CA ALA B 80 26.12 8.87 -9.25
C ALA B 80 27.47 9.16 -8.60
N ASN B 81 28.08 10.29 -8.91
CA ASN B 81 29.39 10.60 -8.37
C ASN B 81 29.28 11.10 -6.93
N PRO B 82 30.32 10.88 -6.12
CA PRO B 82 30.34 11.39 -4.75
C PRO B 82 30.30 12.91 -4.69
N GLY B 83 29.40 13.44 -3.85
CA GLY B 83 29.43 14.85 -3.54
C GLY B 83 28.86 15.76 -4.60
N VAL B 84 28.41 15.24 -5.72
CA VAL B 84 27.57 16.00 -6.66
C VAL B 84 26.19 16.12 -6.02
N PRO B 85 25.43 17.18 -6.28
CA PRO B 85 24.09 17.28 -5.70
C PRO B 85 23.12 16.24 -6.26
N ARG B 86 22.18 15.83 -5.40
CA ARG B 86 21.26 14.74 -5.69
C ARG B 86 19.83 15.24 -5.52
N GLN B 87 18.90 14.67 -6.30
CA GLN B 87 17.49 14.89 -6.03
C GLN B 87 16.99 13.98 -4.90
N TYR B 88 17.54 12.77 -4.79
CA TYR B 88 17.38 11.92 -3.61
C TYR B 88 18.58 11.00 -3.48
N ALA B 89 18.76 10.45 -2.30
CA ALA B 89 19.91 9.59 -2.04
C ALA B 89 19.89 8.34 -2.90
N LEU B 90 21.09 7.90 -3.28
CA LEU B 90 21.30 6.71 -4.09
C LEU B 90 20.96 5.44 -3.30
N THR B 91 20.54 4.38 -4.01
CA THR B 91 20.11 3.14 -3.36
C THR B 91 20.91 1.89 -3.78
N ILE B 92 22.19 2.06 -4.14
CA ILE B 92 22.96 1.00 -4.78
C ILE B 92 24.44 1.08 -4.41
N SER B 105 31.94 -1.96 -22.46
CA SER B 105 32.83 -2.38 -21.35
C SER B 105 33.16 -3.87 -21.54
N ALA B 106 32.21 -4.64 -22.05
CA ALA B 106 32.43 -6.11 -22.14
C ALA B 106 31.66 -6.83 -23.24
N GLY B 107 30.94 -6.11 -24.10
CA GLY B 107 30.28 -6.75 -25.24
C GLY B 107 29.10 -7.46 -24.62
N LEU B 108 28.73 -7.07 -23.39
CA LEU B 108 27.50 -7.62 -22.77
C LEU B 108 26.34 -6.97 -23.50
N ARG B 109 26.54 -5.73 -23.95
CA ARG B 109 25.49 -4.98 -24.65
C ARG B 109 24.61 -5.93 -25.47
N ASN B 110 25.21 -6.75 -26.32
CA ASN B 110 24.41 -7.63 -27.21
C ASN B 110 23.42 -8.43 -26.38
N ALA B 111 23.91 -9.18 -25.40
CA ALA B 111 23.03 -9.94 -24.52
C ALA B 111 21.85 -9.09 -24.06
N VAL B 112 22.11 -7.84 -23.68
CA VAL B 112 21.04 -6.93 -23.29
C VAL B 112 20.11 -6.67 -24.46
N MET B 113 20.68 -6.27 -25.61
CA MET B 113 19.86 -5.81 -26.72
C MET B 113 19.10 -6.95 -27.38
N LYS B 114 19.69 -8.15 -27.44
CA LYS B 114 18.88 -9.27 -27.91
C LYS B 114 17.85 -9.69 -26.88
N THR B 115 18.02 -9.28 -25.61
CA THR B 115 16.97 -9.47 -24.63
C THR B 115 15.86 -8.45 -24.81
N LEU B 116 16.22 -7.22 -25.19
CA LEU B 116 15.26 -6.13 -25.34
C LEU B 116 14.69 -6.01 -26.76
N SER B 117 14.95 -6.98 -27.68
CA SER B 117 14.20 -6.85 -28.92
C SER B 117 12.96 -7.72 -28.87
N PRO B 118 11.80 -7.21 -29.27
CA PRO B 118 10.63 -8.08 -29.39
C PRO B 118 10.76 -9.07 -30.53
N GLN B 119 11.65 -8.77 -31.49
CA GLN B 119 11.90 -9.63 -32.64
C GLN B 119 12.93 -10.73 -32.35
N ALA B 120 13.44 -10.81 -31.12
CA ALA B 120 14.31 -11.89 -30.69
C ALA B 120 13.61 -12.87 -29.76
N ASP B 121 12.34 -12.64 -29.46
CA ASP B 121 11.50 -13.61 -28.77
C ASP B 121 10.23 -13.61 -29.60
N ARG B 122 10.14 -14.55 -30.54
CA ARG B 122 8.97 -14.58 -31.40
C ARG B 122 7.71 -14.93 -30.62
N GLU B 123 7.88 -15.69 -29.54
CA GLU B 123 6.80 -16.21 -28.72
C GLU B 123 6.28 -15.20 -27.71
N LEU B 124 6.96 -14.07 -27.54
CA LEU B 124 6.65 -13.11 -26.49
C LEU B 124 5.20 -12.68 -26.54
N GLY B 125 4.71 -12.29 -27.72
CA GLY B 125 3.42 -11.63 -27.81
C GLY B 125 2.25 -12.52 -27.40
N GLY B 126 2.26 -13.77 -27.84
CA GLY B 126 1.15 -14.63 -27.49
C GLY B 126 1.22 -15.08 -26.07
N TRP B 127 2.43 -15.27 -25.55
CA TRP B 127 2.59 -15.64 -24.16
C TRP B 127 2.05 -14.55 -23.24
N LEU B 128 2.51 -13.30 -23.44
CA LEU B 128 1.99 -12.18 -22.66
C LEU B 128 0.47 -12.09 -22.77
N GLU B 129 -0.06 -12.29 -23.98
CA GLU B 129 -1.51 -12.37 -24.14
C GLU B 129 -2.10 -13.47 -23.27
N ALA B 130 -1.37 -14.57 -23.07
CA ALA B 130 -1.91 -15.64 -22.23
C ALA B 130 -1.82 -15.26 -20.77
N GLN B 131 -0.63 -14.79 -20.36
CA GLN B 131 -0.43 -14.24 -19.02
C GLN B 131 -1.56 -13.30 -18.66
N ALA B 132 -1.78 -12.28 -19.49
CA ALA B 132 -2.78 -11.29 -19.15
C ALA B 132 -4.17 -11.91 -19.01
N HIS B 133 -4.49 -12.95 -19.80
CA HIS B 133 -5.83 -13.51 -19.70
C HIS B 133 -6.03 -14.42 -18.49
N GLN B 134 -5.00 -15.17 -18.06
CA GLN B 134 -5.15 -15.97 -16.84
C GLN B 134 -5.40 -15.09 -15.64
N LEU B 135 -4.55 -14.07 -15.48
CA LEU B 135 -4.72 -13.12 -14.40
C LEU B 135 -6.15 -12.58 -14.39
N LEU B 136 -6.62 -12.15 -15.56
CA LEU B 136 -7.93 -11.52 -15.62
C LEU B 136 -9.05 -12.52 -15.41
N ASP B 137 -8.85 -13.76 -15.85
CA ASP B 137 -9.88 -14.79 -15.65
C ASP B 137 -9.96 -15.20 -14.18
N ARG B 138 -8.82 -15.25 -13.49
CA ARG B 138 -8.83 -15.45 -12.04
C ARG B 138 -9.71 -14.42 -11.33
N LEU B 139 -9.52 -13.13 -11.65
CA LEU B 139 -10.34 -12.07 -11.07
C LEU B 139 -11.81 -12.22 -11.43
N ILE B 140 -12.09 -12.58 -12.69
CA ILE B 140 -13.48 -12.67 -13.11
C ILE B 140 -14.18 -13.78 -12.36
N GLU B 141 -13.47 -14.89 -12.11
CA GLU B 141 -14.09 -16.01 -11.40
C GLU B 141 -14.35 -15.67 -9.93
N GLN B 142 -13.45 -14.92 -9.28
CA GLN B 142 -13.72 -14.44 -7.93
C GLN B 142 -14.80 -13.37 -7.91
N GLY B 143 -14.88 -12.53 -8.94
CA GLY B 143 -15.91 -11.51 -9.01
C GLY B 143 -15.46 -10.14 -8.50
N PRO B 144 -16.15 -9.09 -8.96
CA PRO B 144 -15.78 -7.73 -8.53
C PRO B 144 -16.15 -7.50 -7.08
N PRO B 145 -15.45 -6.58 -6.38
CA PRO B 145 -14.33 -5.79 -6.91
C PRO B 145 -12.99 -6.51 -6.84
N ALA B 146 -11.95 -5.91 -7.39
CA ALA B 146 -10.59 -6.42 -7.24
C ALA B 146 -9.60 -5.26 -7.34
N ASP B 147 -8.41 -5.47 -6.77
CA ASP B 147 -7.29 -4.55 -6.91
C ASP B 147 -6.56 -4.88 -8.21
N LEU B 148 -6.45 -3.91 -9.11
CA LEU B 148 -5.80 -4.22 -10.38
C LEU B 148 -4.30 -4.09 -10.30
N ARG B 149 -3.78 -3.53 -9.21
CA ARG B 149 -2.33 -3.59 -9.00
C ARG B 149 -1.93 -4.98 -8.56
N ASP B 150 -2.41 -5.41 -7.39
CA ASP B 150 -1.95 -6.70 -6.88
C ASP B 150 -2.38 -7.82 -7.79
N GLY B 151 -3.57 -7.74 -8.35
CA GLY B 151 -4.09 -8.88 -9.13
C GLY B 151 -3.79 -8.85 -10.61
N PHE B 152 -3.19 -7.79 -11.10
CA PHE B 152 -2.94 -7.70 -12.56
C PHE B 152 -1.61 -7.02 -12.85
N THR B 153 -1.51 -5.71 -12.66
CA THR B 153 -0.29 -4.98 -13.09
C THR B 153 0.94 -5.61 -12.50
N GLU B 154 0.92 -5.92 -11.21
CA GLU B 154 2.13 -6.41 -10.55
C GLU B 154 2.51 -7.83 -10.97
N PRO B 155 1.63 -8.84 -10.92
CA PRO B 155 2.05 -10.16 -11.41
C PRO B 155 2.40 -10.15 -12.88
N TYR B 156 1.76 -9.27 -13.66
CA TYR B 156 1.99 -9.22 -15.09
C TYR B 156 3.35 -8.62 -15.42
N SER B 157 3.64 -7.43 -14.86
CA SER B 157 4.96 -6.82 -15.00
C SER B 157 6.06 -7.72 -14.48
N ALA B 158 5.77 -8.54 -13.47
CA ALA B 158 6.78 -9.46 -12.96
C ALA B 158 7.02 -10.58 -13.96
N ALA B 159 5.95 -11.15 -14.51
CA ALA B 159 6.07 -12.28 -15.42
C ALA B 159 6.93 -11.93 -16.64
N LEU B 160 6.71 -10.75 -17.21
CA LEU B 160 7.49 -10.33 -18.38
C LEU B 160 8.97 -10.24 -18.04
N HIS B 161 9.28 -9.61 -16.92
CA HIS B 161 10.68 -9.43 -16.61
C HIS B 161 11.32 -10.71 -16.13
N CYS B 162 10.52 -11.64 -15.58
CA CYS B 162 11.05 -12.96 -15.27
C CYS B 162 11.40 -13.69 -16.54
N ARG B 163 10.52 -13.63 -17.55
CA ARG B 163 10.87 -14.19 -18.85
C ARG B 163 12.10 -13.52 -19.43
N LEU B 164 12.18 -12.18 -19.34
CA LEU B 164 13.33 -11.50 -19.91
C LEU B 164 14.62 -11.97 -19.27
N LEU B 165 14.61 -12.24 -17.98
CA LEU B 165 15.79 -12.78 -17.32
C LEU B 165 15.88 -14.30 -17.43
N GLY B 166 14.82 -14.96 -17.86
CA GLY B 166 14.78 -16.41 -17.89
C GLY B 166 14.87 -17.02 -16.51
N ILE B 167 14.09 -16.51 -15.57
CA ILE B 167 13.97 -17.11 -14.25
C ILE B 167 12.51 -17.47 -14.05
N PRO B 168 12.21 -18.35 -13.10
CA PRO B 168 10.80 -18.71 -12.88
C PRO B 168 10.06 -17.57 -12.19
N THR B 169 8.75 -17.52 -12.45
CA THR B 169 7.90 -16.51 -11.84
C THR B 169 7.42 -16.97 -10.48
N ASP B 170 8.22 -17.81 -9.81
CA ASP B 170 7.80 -18.39 -8.54
C ASP B 170 7.88 -17.37 -7.41
N ASP B 171 8.96 -16.59 -7.39
CA ASP B 171 9.23 -15.67 -6.29
C ASP B 171 8.86 -14.23 -6.64
N TRP B 172 7.85 -14.04 -7.49
CA TRP B 172 7.54 -12.72 -8.01
C TRP B 172 7.13 -11.76 -6.90
N ARG B 173 6.44 -12.25 -5.88
CA ARG B 173 6.09 -11.37 -4.77
C ARG B 173 7.33 -10.87 -4.06
N ARG B 174 8.23 -11.79 -3.69
CA ARG B 174 9.49 -11.37 -3.08
C ARG B 174 10.23 -10.41 -3.99
N LEU B 175 10.12 -10.62 -5.30
CA LEU B 175 10.88 -9.82 -6.25
C LEU B 175 10.28 -8.43 -6.39
N MET B 176 8.95 -8.37 -6.50
CA MET B 176 8.31 -7.07 -6.54
C MET B 176 8.40 -6.39 -5.18
N SER B 177 8.46 -7.17 -4.09
CA SER B 177 8.69 -6.58 -2.77
C SER B 177 10.04 -5.88 -2.68
N GLY B 178 11.08 -6.48 -3.26
CA GLY B 178 12.37 -5.81 -3.24
C GLY B 178 12.33 -4.49 -3.98
N ILE B 179 11.53 -4.44 -5.05
CA ILE B 179 11.36 -3.19 -5.79
C ILE B 179 10.78 -2.12 -4.88
N ASP B 180 9.91 -2.50 -3.94
CA ASP B 180 9.28 -1.55 -3.03
C ASP B 180 10.30 -0.82 -2.19
N VAL B 181 11.46 -1.44 -1.92
CA VAL B 181 12.53 -0.75 -1.22
C VAL B 181 13.50 -0.09 -2.20
N ALA B 182 13.77 -0.76 -3.33
CA ALA B 182 14.81 -0.32 -4.25
C ALA B 182 14.60 1.12 -4.71
N PHE B 183 13.36 1.46 -5.09
CA PHE B 183 13.09 2.75 -5.69
C PHE B 183 12.36 3.68 -4.73
N ILE B 184 12.61 3.51 -3.43
CA ILE B 184 12.29 4.56 -2.47
C ILE B 184 13.13 5.80 -2.78
N THR B 185 12.49 6.96 -2.64
CA THR B 185 13.19 8.24 -2.74
C THR B 185 13.33 8.81 -1.34
N SER B 186 14.59 8.97 -0.90
CA SER B 186 14.85 9.34 0.48
C SER B 186 15.80 10.53 0.58
N PRO B 187 15.55 11.45 1.52
CA PRO B 187 16.47 12.58 1.69
C PRO B 187 17.90 12.18 1.99
N ARG B 188 18.11 11.23 2.89
CA ARG B 188 19.44 10.77 3.25
C ARG B 188 19.52 9.27 2.99
N THR B 189 20.72 8.73 3.08
CA THR B 189 20.92 7.30 2.80
C THR B 189 20.29 6.51 3.92
N PHE B 190 19.67 5.40 3.57
CA PHE B 190 19.02 4.55 4.59
C PHE B 190 19.63 3.17 4.52
N GLU B 191 19.92 2.60 5.68
CA GLU B 191 20.41 1.21 5.71
C GLU B 191 19.29 0.40 5.08
N GLY B 192 19.54 -0.82 4.67
CA GLY B 192 18.37 -1.53 4.15
C GLY B 192 18.26 -1.31 2.68
N SER B 193 18.71 -0.17 2.17
CA SER B 193 18.74 -0.09 0.71
C SER B 193 19.85 -0.99 0.21
N ALA B 194 21.03 -0.87 0.82
CA ALA B 194 22.15 -1.75 0.56
C ALA B 194 21.85 -3.20 0.98
N VAL B 195 21.20 -3.41 2.11
CA VAL B 195 20.88 -4.79 2.47
C VAL B 195 19.92 -5.36 1.44
N ASN B 196 18.99 -4.53 1.00
CA ASN B 196 18.04 -4.97 0.00
C ASN B 196 18.72 -5.23 -1.33
N TRP B 197 19.64 -4.34 -1.72
CA TRP B 197 20.41 -4.55 -2.94
C TRP B 197 21.09 -5.92 -2.92
N TYR B 198 21.94 -6.16 -1.92
CA TYR B 198 22.70 -7.40 -1.89
C TYR B 198 21.80 -8.59 -1.67
N LYS B 199 20.62 -8.39 -1.10
CA LYS B 199 19.69 -9.52 -0.97
C LYS B 199 19.27 -10.06 -2.32
N ASP B 200 18.94 -9.18 -3.26
CA ASP B 200 18.45 -9.60 -4.58
C ASP B 200 19.57 -9.81 -5.57
N LEU B 201 20.64 -9.02 -5.48
CA LEU B 201 21.92 -9.41 -6.05
C LEU B 201 22.16 -10.89 -5.81
N GLY B 202 22.08 -11.32 -4.55
CA GLY B 202 22.24 -12.74 -4.23
C GLY B 202 21.30 -13.63 -5.00
N TYR B 203 20.00 -13.34 -4.95
CA TYR B 203 19.00 -14.15 -5.64
C TYR B 203 19.35 -14.32 -7.12
N MET B 204 19.81 -13.24 -7.74
CA MET B 204 20.19 -13.30 -9.15
C MET B 204 21.41 -14.19 -9.35
N VAL B 205 22.48 -13.94 -8.59
CA VAL B 205 23.66 -14.81 -8.65
C VAL B 205 23.26 -16.28 -8.49
N ASP B 206 22.25 -16.55 -7.66
CA ASP B 206 21.84 -17.94 -7.45
C ASP B 206 21.12 -18.52 -8.67
N ARG B 207 20.18 -17.78 -9.28
CA ARG B 207 19.57 -18.26 -10.53
C ARG B 207 20.61 -18.48 -11.61
N LEU B 208 21.73 -17.76 -11.55
CA LEU B 208 22.73 -17.80 -12.61
C LEU B 208 23.66 -18.99 -12.49
N ASN B 209 23.99 -19.41 -11.26
CA ASN B 209 24.94 -20.48 -11.02
C ASN B 209 24.26 -21.81 -10.70
N ALA B 210 22.97 -21.94 -11.04
CA ALA B 210 22.24 -23.18 -10.77
C ALA B 210 22.89 -24.39 -11.43
N ASP B 211 22.57 -25.59 -10.89
CA ASP B 211 23.29 -26.79 -11.29
C ASP B 211 22.78 -27.34 -12.62
N PRO B 212 21.47 -27.27 -12.90
CA PRO B 212 21.06 -27.24 -14.31
C PRO B 212 21.16 -25.80 -14.82
N GLU B 213 22.34 -25.44 -15.34
CA GLU B 213 22.70 -24.05 -15.60
C GLU B 213 21.65 -23.40 -16.51
N PRO B 214 21.38 -22.09 -16.35
CA PRO B 214 20.27 -21.47 -17.09
C PRO B 214 20.57 -21.34 -18.57
N THR B 215 19.59 -21.81 -19.34
CA THR B 215 19.57 -21.55 -20.77
C THR B 215 18.41 -20.62 -20.81
N GLU B 216 18.10 -19.97 -21.93
CA GLU B 216 16.87 -19.13 -22.02
C GLU B 216 16.97 -17.85 -21.17
N GLY B 217 16.88 -16.69 -21.81
CA GLY B 217 16.84 -15.44 -21.05
C GLY B 217 18.16 -14.74 -20.93
N LEU B 218 18.12 -13.50 -20.45
CA LEU B 218 19.37 -12.78 -20.21
C LEU B 218 20.37 -13.59 -19.40
N LEU B 219 19.88 -14.37 -18.44
CA LEU B 219 20.79 -15.23 -17.68
C LEU B 219 21.34 -16.33 -18.57
N GLY B 220 20.49 -16.98 -19.37
CA GLY B 220 20.99 -17.95 -20.34
C GLY B 220 22.03 -17.34 -21.27
N ARG B 221 21.75 -16.13 -21.74
CA ARG B 221 22.73 -15.43 -22.61
C ARG B 221 24.00 -15.14 -21.80
N PHE B 222 23.87 -15.00 -20.49
CA PHE B 222 25.05 -14.57 -19.69
C PHE B 222 25.96 -15.77 -19.42
N ALA B 223 25.36 -16.95 -19.24
CA ALA B 223 26.17 -18.15 -19.02
C ALA B 223 27.05 -18.44 -20.22
N GLU B 224 26.43 -18.51 -21.40
CA GLU B 224 27.16 -18.61 -22.66
C GLU B 224 28.26 -17.58 -22.76
N LEU B 225 28.08 -16.42 -22.12
CA LEU B 225 29.01 -15.32 -22.34
C LEU B 225 30.31 -15.53 -21.60
N ARG B 226 30.25 -16.10 -20.40
CA ARG B 226 31.46 -16.35 -19.63
C ARG B 226 32.07 -17.71 -19.94
N ARG B 227 31.52 -18.44 -20.93
CA ARG B 227 32.21 -19.58 -21.50
C ARG B 227 33.09 -19.20 -22.68
N SER B 228 32.74 -18.13 -23.41
CA SER B 228 33.52 -17.70 -24.56
C SER B 228 34.88 -17.18 -24.10
N PRO B 229 35.89 -17.16 -24.98
CA PRO B 229 37.27 -16.88 -24.55
C PRO B 229 37.69 -15.42 -24.52
N ASP B 230 36.86 -14.48 -24.97
CA ASP B 230 37.21 -13.07 -25.01
C ASP B 230 36.08 -12.23 -24.45
N VAL B 235 34.36 -10.47 -17.11
CA VAL B 235 33.16 -9.89 -16.42
C VAL B 235 32.77 -10.76 -15.22
N SER B 236 32.58 -10.16 -14.05
CA SER B 236 32.31 -10.93 -12.80
C SER B 236 30.85 -11.36 -12.70
N ASP B 237 30.59 -12.42 -11.92
CA ASP B 237 29.21 -12.90 -11.70
C ASP B 237 28.42 -11.80 -11.00
N GLU B 238 29.04 -11.13 -10.03
CA GLU B 238 28.37 -9.99 -9.36
C GLU B 238 28.03 -8.97 -10.43
N LEU B 239 28.98 -8.61 -11.30
CA LEU B 239 28.58 -7.64 -12.31
C LEU B 239 27.43 -8.16 -13.16
N LEU B 240 27.47 -9.44 -13.53
CA LEU B 240 26.38 -10.02 -14.31
C LEU B 240 25.05 -9.86 -13.58
N ALA B 241 25.03 -10.14 -12.28
CA ALA B 241 23.77 -10.08 -11.53
C ALA B 241 23.30 -8.64 -11.37
N THR B 242 24.25 -7.71 -11.17
CA THR B 242 23.92 -6.29 -11.09
C THR B 242 23.11 -5.83 -12.31
N VAL B 243 23.40 -6.41 -13.47
CA VAL B 243 22.70 -5.99 -14.71
C VAL B 243 21.30 -6.59 -14.70
N ALA B 244 21.20 -7.90 -14.51
CA ALA B 244 19.90 -8.58 -14.51
C ALA B 244 18.98 -7.94 -13.46
N LEU B 245 19.54 -7.62 -12.31
CA LEU B 245 18.75 -6.94 -11.26
C LEU B 245 18.33 -5.57 -11.77
N SER B 246 19.27 -4.65 -11.94
CA SER B 246 18.84 -3.30 -12.32
C SER B 246 17.88 -3.30 -13.50
N LEU B 247 18.00 -4.29 -14.40
CA LEU B 247 17.06 -4.38 -15.51
C LEU B 247 15.68 -4.85 -15.05
N PHE B 248 15.63 -5.91 -14.26
CA PHE B 248 14.35 -6.37 -13.73
C PHE B 248 13.69 -5.29 -12.89
N GLY B 249 14.49 -4.53 -12.14
CA GLY B 249 13.94 -3.44 -11.36
C GLY B 249 13.39 -2.33 -12.23
N ALA B 250 14.19 -1.85 -13.18
CA ALA B 250 13.79 -0.67 -13.94
C ALA B 250 12.53 -0.93 -14.77
N GLY B 251 12.38 -2.11 -15.33
CA GLY B 251 11.28 -2.28 -16.24
C GLY B 251 10.00 -2.70 -15.57
N ALA B 252 10.11 -3.52 -14.52
CA ALA B 252 8.93 -3.92 -13.77
C ALA B 252 8.25 -2.72 -13.14
N VAL B 253 9.03 -1.90 -12.43
CA VAL B 253 8.48 -0.75 -11.76
C VAL B 253 7.94 0.25 -12.77
N SER B 254 8.61 0.37 -13.92
CA SER B 254 8.12 1.27 -14.95
C SER B 254 6.80 0.78 -15.54
N THR B 255 6.78 -0.45 -16.04
CA THR B 255 5.59 -0.93 -16.74
C THR B 255 4.40 -1.16 -15.82
N SER B 256 4.62 -1.56 -14.56
CA SER B 256 3.49 -1.69 -13.64
C SER B 256 2.90 -0.32 -13.30
N ALA B 257 3.74 0.68 -13.08
CA ALA B 257 3.23 2.02 -12.79
C ALA B 257 2.50 2.58 -14.01
N PHE B 258 3.11 2.50 -15.19
CA PHE B 258 2.43 3.01 -16.38
C PHE B 258 1.12 2.27 -16.63
N LEU B 259 1.10 0.98 -16.37
CA LEU B 259 -0.11 0.23 -16.63
C LEU B 259 -1.24 0.66 -15.71
N GLN B 260 -0.93 0.99 -14.46
CA GLN B 260 -1.99 1.41 -13.56
C GLN B 260 -2.55 2.74 -14.01
N HIS B 261 -1.66 3.66 -14.42
CA HIS B 261 -2.12 4.94 -14.95
C HIS B 261 -2.90 4.75 -16.23
N ALA B 262 -2.46 3.82 -17.08
CA ALA B 262 -3.27 3.47 -18.26
C ALA B 262 -4.66 3.05 -17.83
N ILE B 263 -4.75 2.17 -16.84
CA ILE B 263 -6.03 1.59 -16.44
C ILE B 263 -6.93 2.66 -15.82
N ILE B 264 -6.38 3.47 -14.92
CA ILE B 264 -7.19 4.55 -14.36
C ILE B 264 -7.76 5.41 -15.46
N ALA B 265 -6.95 5.70 -16.49
CA ALA B 265 -7.47 6.44 -17.63
C ALA B 265 -8.65 5.70 -18.25
N LEU B 266 -8.48 4.38 -18.47
CA LEU B 266 -9.53 3.59 -19.12
C LEU B 266 -10.84 3.53 -18.31
N ALA B 267 -10.76 3.62 -16.98
CA ALA B 267 -11.97 3.55 -16.17
C ALA B 267 -12.64 4.90 -16.08
N GLN B 268 -11.85 5.96 -15.86
CA GLN B 268 -12.39 7.30 -15.77
C GLN B 268 -12.98 7.77 -17.09
N GLN B 269 -12.42 7.33 -18.22
CA GLN B 269 -12.89 7.76 -19.53
C GLN B 269 -13.31 6.55 -20.37
N PRO B 270 -14.42 5.89 -19.97
CA PRO B 270 -14.86 4.66 -20.63
C PRO B 270 -15.09 4.79 -22.13
N GLU B 271 -15.26 6.00 -22.65
CA GLU B 271 -15.31 6.17 -24.09
C GLU B 271 -14.04 5.62 -24.74
N LEU B 272 -12.91 5.75 -24.03
CA LEU B 272 -11.66 5.27 -24.58
C LEU B 272 -11.66 3.75 -24.69
N ALA B 273 -12.21 3.04 -23.70
CA ALA B 273 -12.38 1.60 -23.82
C ALA B 273 -13.29 1.24 -24.98
N ASP B 274 -14.42 1.95 -25.12
CA ASP B 274 -15.30 1.68 -26.25
C ASP B 274 -14.55 1.84 -27.56
N ARG B 275 -13.69 2.85 -27.64
CA ARG B 275 -12.86 3.02 -28.84
C ARG B 275 -12.05 1.77 -29.11
N LEU B 276 -11.47 1.17 -28.08
CA LEU B 276 -10.57 0.05 -28.33
C LEU B 276 -11.32 -1.23 -28.66
N ARG B 277 -12.43 -1.48 -27.95
CA ARG B 277 -13.26 -2.62 -28.30
C ARG B 277 -13.72 -2.53 -29.75
N ALA B 278 -14.10 -1.33 -30.20
CA ALA B 278 -14.61 -1.15 -31.56
C ALA B 278 -13.51 -1.19 -32.62
N GLU B 279 -12.30 -0.75 -32.29
CA GLU B 279 -11.27 -0.51 -33.29
C GLU B 279 -9.94 -1.02 -32.74
N PRO B 280 -9.77 -2.35 -32.65
CA PRO B 280 -8.56 -2.91 -32.05
C PRO B 280 -7.24 -2.35 -32.59
N ALA B 281 -7.22 -1.92 -33.86
CA ALA B 281 -5.99 -1.48 -34.50
C ALA B 281 -5.42 -0.21 -33.89
N VAL B 282 -6.23 0.57 -33.19
CA VAL B 282 -5.76 1.86 -32.70
C VAL B 282 -5.07 1.68 -31.36
N ILE B 283 -4.78 0.43 -30.99
CA ILE B 283 -4.24 0.14 -29.66
C ILE B 283 -2.85 0.78 -29.49
N GLY B 284 -2.04 0.79 -30.55
CA GLY B 284 -0.68 1.27 -30.44
C GLY B 284 -0.55 2.77 -30.33
N ARG B 285 -1.23 3.48 -31.24
CA ARG B 285 -1.41 4.92 -31.14
C ARG B 285 -2.06 5.32 -29.81
N ALA B 286 -2.95 4.47 -29.30
CA ALA B 286 -3.61 4.77 -28.04
C ALA B 286 -2.68 4.59 -26.88
N VAL B 287 -1.88 3.53 -26.91
CA VAL B 287 -0.82 3.38 -25.92
C VAL B 287 0.16 4.55 -26.04
N ASP B 288 0.42 4.99 -27.27
CA ASP B 288 1.35 6.10 -27.47
C ASP B 288 0.87 7.36 -26.75
N GLU B 289 -0.42 7.62 -26.81
CA GLU B 289 -0.95 8.81 -26.14
C GLU B 289 -0.93 8.62 -24.63
N LEU B 290 -1.41 7.47 -24.16
CA LEU B 290 -1.38 7.19 -22.72
C LEU B 290 0.01 7.35 -22.17
N LEU B 291 1.02 6.96 -22.96
CA LEU B 291 2.40 7.17 -22.57
C LEU B 291 2.67 8.65 -22.37
N ARG B 292 2.22 9.47 -23.31
CA ARG B 292 2.45 10.89 -23.13
C ARG B 292 1.69 11.40 -21.91
N TYR B 293 0.44 10.95 -21.74
CA TYR B 293 -0.46 11.51 -20.73
C TYR B 293 -0.15 11.02 -19.34
N ASN B 294 0.47 9.84 -19.21
CA ASN B 294 0.61 9.18 -17.92
C ASN B 294 1.50 9.96 -16.96
N LEU B 295 1.13 9.94 -15.67
CA LEU B 295 1.88 10.61 -14.62
C LEU B 295 2.64 9.63 -13.72
N SER B 296 2.97 8.44 -14.25
CA SER B 296 3.68 7.46 -13.44
C SER B 296 5.08 7.94 -13.04
N ILE B 297 5.76 8.71 -13.88
CA ILE B 297 7.05 9.22 -13.45
C ILE B 297 6.83 10.34 -12.42
N GLY B 298 7.42 10.17 -11.24
CA GLY B 298 7.26 11.06 -10.11
C GLY B 298 8.56 11.62 -9.55
N ASP B 299 9.67 11.29 -10.20
CA ASP B 299 10.94 12.02 -10.09
C ASP B 299 11.14 12.79 -11.39
N ALA B 300 12.28 13.44 -11.54
CA ALA B 300 12.65 14.01 -12.83
C ALA B 300 13.90 13.32 -13.35
N LEU B 301 14.09 13.41 -14.64
CA LEU B 301 15.27 12.80 -15.25
C LEU B 301 16.50 13.64 -14.93
N PRO B 302 17.51 13.08 -14.23
CA PRO B 302 18.62 13.89 -13.69
C PRO B 302 19.89 13.90 -14.54
N ARG B 303 20.55 15.06 -14.62
CA ARG B 303 21.81 15.18 -15.33
C ARG B 303 22.71 16.14 -14.55
N ILE B 304 24.03 15.93 -14.70
CA ILE B 304 25.06 16.81 -14.12
C ILE B 304 25.76 17.55 -15.25
N ALA B 305 25.89 18.87 -15.11
CA ALA B 305 26.47 19.71 -16.15
C ALA B 305 27.98 19.58 -16.19
N LEU B 306 28.50 19.12 -17.32
CA LEU B 306 29.92 18.94 -17.50
C LEU B 306 30.63 20.20 -17.99
N ALA B 307 29.90 21.32 -18.12
CA ALA B 307 30.44 22.58 -18.65
C ALA B 307 29.38 23.67 -18.54
N ASP B 308 29.80 24.93 -18.39
CA ASP B 308 28.81 26.01 -18.44
C ASP B 308 28.02 25.91 -19.74
N VAL B 309 26.70 25.91 -19.63
CA VAL B 309 25.84 26.03 -20.80
C VAL B 309 24.77 27.05 -20.48
N ARG B 310 24.46 27.91 -21.45
CA ARG B 310 23.23 28.69 -21.38
C ARG B 310 22.09 27.80 -21.84
N LEU B 311 21.04 27.75 -21.03
CA LEU B 311 19.80 27.05 -21.38
C LEU B 311 18.67 28.02 -21.12
N GLY B 312 17.91 28.34 -22.16
CA GLY B 312 16.93 29.39 -22.00
C GLY B 312 17.64 30.66 -21.57
N GLU B 313 17.11 31.30 -20.52
CA GLU B 313 17.65 32.56 -20.04
C GLU B 313 18.59 32.38 -18.85
N VAL B 314 19.15 31.18 -18.69
CA VAL B 314 19.82 30.79 -17.46
C VAL B 314 21.20 30.25 -17.81
N GLU B 315 22.23 30.85 -17.22
CA GLU B 315 23.58 30.31 -17.32
C GLU B 315 23.72 29.21 -16.27
N ILE B 316 23.80 27.97 -16.74
CA ILE B 316 24.01 26.81 -15.88
C ILE B 316 25.51 26.55 -15.77
N ARG B 317 25.99 26.42 -14.54
CA ARG B 317 27.41 26.25 -14.27
C ARG B 317 27.76 24.77 -14.23
N ALA B 318 29.02 24.44 -14.57
CA ALA B 318 29.45 23.05 -14.60
C ALA B 318 29.43 22.46 -13.19
N GLY B 319 28.84 21.28 -13.06
CA GLY B 319 28.70 20.64 -11.76
C GLY B 319 27.33 20.78 -11.10
N GLU B 320 26.48 21.69 -11.58
CA GLU B 320 25.13 21.82 -11.05
C GLU B 320 24.22 20.72 -11.63
N LEU B 321 23.07 20.51 -10.99
CA LEU B 321 22.17 19.41 -11.34
C LEU B 321 20.97 19.91 -12.13
N VAL B 322 20.64 19.18 -13.19
CA VAL B 322 19.54 19.53 -14.08
C VAL B 322 18.51 18.40 -14.07
N LEU B 323 17.27 18.73 -13.75
CA LEU B 323 16.18 17.78 -13.60
C LEU B 323 15.15 18.02 -14.69
N VAL B 324 14.99 17.04 -15.57
CA VAL B 324 14.14 17.20 -16.75
C VAL B 324 12.74 16.66 -16.42
N LEU B 325 11.74 17.55 -16.41
CA LEU B 325 10.40 17.24 -15.89
C LEU B 325 9.48 16.77 -17.00
N ILE B 326 9.38 15.44 -17.16
CA ILE B 326 8.74 14.85 -18.34
C ILE B 326 7.32 15.38 -18.51
N GLU B 327 6.56 15.41 -17.41
CA GLU B 327 5.17 15.83 -17.60
C GLU B 327 5.07 17.29 -17.99
N GLY B 328 6.03 18.12 -17.56
CA GLY B 328 6.06 19.48 -18.05
C GLY B 328 6.20 19.54 -19.55
N ALA B 329 7.11 18.74 -20.09
CA ALA B 329 7.30 18.68 -21.54
C ALA B 329 6.09 18.06 -22.22
N ASN B 330 5.63 16.92 -21.73
CA ASN B 330 4.61 16.22 -22.48
C ASN B 330 3.24 16.89 -22.36
N TYR B 331 3.07 17.86 -21.45
CA TYR B 331 1.85 18.64 -21.36
C TYR B 331 2.05 20.05 -21.88
N ASP B 332 3.21 20.33 -22.47
CA ASP B 332 3.52 21.63 -23.05
C ASP B 332 2.53 21.92 -24.16
N PRO B 333 1.75 23.00 -24.08
CA PRO B 333 0.80 23.32 -25.16
C PRO B 333 1.47 23.82 -26.45
N ALA B 334 2.75 24.21 -26.42
CA ALA B 334 3.43 24.61 -27.64
C ALA B 334 3.64 23.44 -28.58
N VAL B 335 3.55 22.21 -28.09
CA VAL B 335 3.84 21.07 -28.93
C VAL B 335 2.63 20.17 -29.01
N PHE B 336 1.81 20.15 -27.96
CA PHE B 336 0.61 19.32 -27.91
C PHE B 336 -0.60 20.18 -27.59
N PRO B 337 -1.50 20.43 -28.53
CA PRO B 337 -2.74 21.15 -28.20
C PRO B 337 -3.63 20.35 -27.26
N HIS B 338 -4.38 21.09 -26.44
CA HIS B 338 -5.22 20.56 -25.36
C HIS B 338 -4.51 19.43 -24.64
N PRO B 339 -3.33 19.69 -24.05
CA PRO B 339 -2.57 18.62 -23.43
C PRO B 339 -3.31 17.94 -22.29
N GLU B 340 -4.24 18.64 -21.64
CA GLU B 340 -4.97 18.04 -20.52
C GLU B 340 -5.96 16.97 -20.96
N ARG B 341 -6.21 16.84 -22.26
CA ARG B 341 -7.27 15.99 -22.80
C ARG B 341 -6.66 14.81 -23.53
N ILE B 342 -6.95 13.58 -23.05
CA ILE B 342 -6.57 12.37 -23.75
C ILE B 342 -7.20 12.36 -25.14
N ASP B 343 -6.38 12.10 -26.17
CA ASP B 343 -6.78 12.23 -27.57
C ASP B 343 -5.96 11.22 -28.35
N PHE B 344 -6.62 10.18 -28.89
CA PHE B 344 -5.92 9.15 -29.63
C PHE B 344 -5.60 9.54 -31.06
N ASP B 345 -6.22 10.61 -31.59
CA ASP B 345 -6.17 10.94 -33.01
C ASP B 345 -5.31 12.16 -33.27
N ARG B 346 -4.27 12.35 -32.47
CA ARG B 346 -3.36 13.46 -32.68
C ARG B 346 -2.54 13.25 -33.96
N GLU B 347 -2.56 14.25 -34.86
CA GLU B 347 -1.74 14.27 -36.06
C GLU B 347 -0.31 13.87 -35.75
N SER B 348 0.20 14.41 -34.65
CA SER B 348 1.61 14.32 -34.31
C SER B 348 1.74 14.13 -32.81
N ASN B 349 2.61 13.21 -32.38
CA ASN B 349 2.82 12.94 -30.96
C ASN B 349 4.29 12.69 -30.61
N PRO B 350 5.14 13.71 -30.70
CA PRO B 350 6.58 13.56 -30.41
C PRO B 350 6.95 13.61 -28.93
N HIS B 351 6.28 12.78 -28.12
CA HIS B 351 6.37 12.88 -26.67
C HIS B 351 7.70 12.33 -26.15
N LEU B 352 7.99 12.65 -24.87
CA LEU B 352 9.25 12.28 -24.23
C LEU B 352 9.09 11.24 -23.12
N ALA B 353 8.09 10.37 -23.21
CA ALA B 353 7.77 9.48 -22.09
C ALA B 353 8.87 8.45 -21.87
N PHE B 354 9.61 8.09 -22.91
CA PHE B 354 10.78 7.23 -22.83
C PHE B 354 12.08 8.00 -22.74
N GLY B 355 12.02 9.31 -22.50
CA GLY B 355 13.19 10.14 -22.49
C GLY B 355 13.58 10.59 -23.89
N GLY B 356 14.87 10.86 -24.06
CA GLY B 356 15.41 11.29 -25.33
C GLY B 356 16.92 11.12 -25.34
N GLY B 357 17.51 11.45 -26.47
CA GLY B 357 18.94 11.48 -26.52
C GLY B 357 19.56 10.10 -26.42
N GLN B 358 20.81 10.12 -25.94
CA GLN B 358 21.59 8.88 -25.90
C GLN B 358 20.98 7.87 -24.92
N HIS B 359 20.28 8.34 -23.88
CA HIS B 359 19.76 7.48 -22.84
C HIS B 359 18.28 7.13 -23.03
N PHE B 360 17.78 7.20 -24.26
CA PHE B 360 16.39 6.76 -24.51
C PHE B 360 16.22 5.32 -24.03
N CYS B 361 15.01 4.97 -23.59
CA CYS B 361 14.79 3.62 -23.03
C CYS B 361 15.12 2.56 -24.07
N PRO B 362 15.97 1.58 -23.73
CA PRO B 362 16.25 0.50 -24.66
C PRO B 362 15.13 -0.53 -24.75
N ALA B 363 14.05 -0.33 -23.98
CA ALA B 363 12.92 -1.28 -23.99
C ALA B 363 11.65 -0.58 -24.45
N SER B 364 11.78 0.58 -25.07
CA SER B 364 10.60 1.35 -25.55
C SER B 364 9.52 0.41 -26.10
N ALA B 365 9.90 -0.53 -26.97
CA ALA B 365 8.90 -1.38 -27.63
C ALA B 365 8.41 -2.49 -26.71
N LEU B 366 9.31 -3.07 -25.91
CA LEU B 366 8.82 -4.06 -24.93
C LEU B 366 7.80 -3.32 -24.08
N GLY B 367 8.16 -2.13 -23.58
CA GLY B 367 7.19 -1.35 -22.87
C GLY B 367 5.92 -1.27 -23.68
N ARG B 368 6.01 -0.70 -24.88
CA ARG B 368 4.84 -0.53 -25.74
C ARG B 368 4.07 -1.83 -25.93
N THR B 369 4.76 -2.90 -26.33
CA THR B 369 4.10 -4.20 -26.49
C THR B 369 3.45 -4.61 -25.19
N HIS B 370 4.22 -4.54 -24.10
CA HIS B 370 3.74 -4.93 -22.79
C HIS B 370 2.38 -4.28 -22.47
N ALA B 371 2.25 -2.97 -22.76
CA ALA B 371 1.04 -2.24 -22.39
C ALA B 371 -0.11 -2.52 -23.34
N GLU B 372 0.15 -2.54 -24.66
CA GLU B 372 -0.88 -2.81 -25.65
C GLU B 372 -1.60 -4.12 -25.36
N ILE B 373 -0.84 -5.19 -25.13
CA ILE B 373 -1.45 -6.48 -24.87
C ILE B 373 -2.21 -6.44 -23.54
N ALA B 374 -1.58 -5.86 -22.52
CA ALA B 374 -2.25 -5.69 -21.25
C ALA B 374 -3.64 -5.10 -21.47
N LEU B 375 -3.70 -3.99 -22.20
CA LEU B 375 -4.92 -3.21 -22.26
C LEU B 375 -5.95 -3.80 -23.21
N THR B 376 -5.52 -4.38 -24.34
CA THR B 376 -6.48 -5.03 -25.22
C THR B 376 -7.23 -6.12 -24.49
N ALA B 377 -6.49 -6.92 -23.71
CA ALA B 377 -7.11 -7.92 -22.86
C ALA B 377 -8.03 -7.28 -21.86
N LEU B 378 -7.60 -6.14 -21.32
CA LEU B 378 -8.34 -5.49 -20.25
C LEU B 378 -9.74 -5.10 -20.70
N VAL B 379 -9.82 -4.49 -21.89
CA VAL B 379 -11.09 -3.97 -22.36
C VAL B 379 -11.98 -5.06 -22.94
N GLU B 380 -11.41 -6.16 -23.41
CA GLU B 380 -12.22 -7.29 -23.82
C GLU B 380 -12.88 -7.96 -22.61
N LYS B 381 -12.09 -8.21 -21.56
CA LYS B 381 -12.58 -9.04 -20.48
C LYS B 381 -13.41 -8.26 -19.48
N LEU B 382 -12.99 -7.05 -19.12
CA LEU B 382 -13.77 -6.25 -18.19
C LEU B 382 -14.31 -5.04 -18.93
N PRO B 383 -15.33 -5.21 -19.77
CA PRO B 383 -15.84 -4.04 -20.50
C PRO B 383 -16.60 -3.07 -19.63
N ALA B 384 -17.02 -3.44 -18.42
CA ALA B 384 -17.71 -2.45 -17.59
C ALA B 384 -16.77 -1.73 -16.66
N LEU B 385 -15.47 -2.01 -16.77
CA LEU B 385 -14.42 -1.54 -15.90
C LEU B 385 -14.63 -0.10 -15.45
N ARG B 386 -14.57 0.11 -14.14
CA ARG B 386 -14.69 1.41 -13.51
C ARG B 386 -14.03 1.34 -12.13
N LEU B 387 -13.78 2.50 -11.57
CA LEU B 387 -13.25 2.52 -10.21
C LEU B 387 -14.34 2.18 -9.23
N ALA B 388 -13.96 1.45 -8.19
CA ALA B 388 -14.86 1.02 -7.13
C ALA B 388 -15.27 2.16 -6.22
N LEU B 389 -14.65 3.34 -6.35
CA LEU B 389 -14.94 4.46 -5.46
C LEU B 389 -14.45 5.74 -6.15
N PRO B 390 -14.80 6.92 -5.63
CA PRO B 390 -14.41 8.15 -6.32
C PRO B 390 -12.89 8.26 -6.48
N VAL B 391 -12.46 8.82 -7.61
CA VAL B 391 -11.03 8.88 -7.93
C VAL B 391 -10.26 9.58 -6.83
N GLU B 392 -10.85 10.62 -6.24
CA GLU B 392 -10.19 11.48 -5.25
C GLU B 392 -9.79 10.71 -4.02
N GLN B 393 -10.23 9.47 -3.90
CA GLN B 393 -10.01 8.68 -2.71
C GLN B 393 -9.06 7.53 -2.95
N LEU B 394 -8.45 7.45 -4.14
CA LEU B 394 -7.28 6.58 -4.31
C LEU B 394 -6.16 7.01 -3.37
N ALA B 395 -5.46 6.02 -2.81
CA ALA B 395 -4.26 6.25 -1.99
C ALA B 395 -3.04 6.34 -2.88
N TRP B 396 -2.45 7.52 -3.01
CA TRP B 396 -1.26 7.68 -3.84
C TRP B 396 0.02 7.44 -3.02
N ARG B 397 0.88 6.57 -3.51
CA ARG B 397 2.05 6.15 -2.74
C ARG B 397 3.00 7.32 -2.55
N PRO B 398 3.44 7.59 -1.33
CA PRO B 398 4.45 8.64 -1.11
C PRO B 398 5.85 8.06 -1.25
N GLY B 399 6.82 8.96 -1.39
CA GLY B 399 8.23 8.62 -1.25
C GLY B 399 8.78 7.59 -2.22
N PHE B 400 8.34 7.59 -3.47
CA PHE B 400 8.71 6.56 -4.43
C PHE B 400 9.09 7.24 -5.75
N ILE B 401 9.77 6.47 -6.60
CA ILE B 401 10.20 7.01 -7.90
C ILE B 401 9.01 7.14 -8.84
N LYS B 402 8.06 6.23 -8.79
CA LYS B 402 6.81 6.39 -9.53
C LYS B 402 5.71 6.98 -8.63
N ARG B 403 4.77 7.69 -9.27
CA ARG B 403 3.46 7.97 -8.68
C ARG B 403 2.57 6.77 -8.94
N LEU B 404 2.06 6.15 -7.89
CA LEU B 404 1.14 5.06 -8.17
C LEU B 404 0.10 4.94 -7.05
N PRO B 405 -1.08 4.42 -7.37
CA PRO B 405 -2.09 4.17 -6.33
C PRO B 405 -1.78 2.88 -5.60
N GLU B 406 -1.80 2.91 -4.26
CA GLU B 406 -1.39 1.76 -3.46
C GLU B 406 -2.30 0.56 -3.72
N ARG B 407 -3.58 0.82 -3.95
CA ARG B 407 -4.52 -0.19 -4.43
C ARG B 407 -5.33 0.46 -5.54
N LEU B 408 -5.73 -0.36 -6.51
CA LEU B 408 -6.56 0.07 -7.64
C LEU B 408 -7.83 -0.77 -7.67
N PRO B 409 -8.77 -0.47 -6.76
CA PRO B 409 -10.06 -1.20 -6.75
C PRO B 409 -10.93 -0.84 -7.94
N VAL B 410 -11.48 -1.86 -8.59
CA VAL B 410 -12.33 -1.64 -9.76
C VAL B 410 -13.59 -2.50 -9.70
N LEU B 411 -14.58 -2.09 -10.44
CA LEU B 411 -15.77 -2.90 -10.71
C LEU B 411 -15.81 -3.27 -12.19
N TRP B 412 -16.54 -4.35 -12.48
CA TRP B 412 -16.89 -4.70 -13.86
C TRP B 412 -18.19 -5.49 -13.90
#